data_8D3J
#
_entry.id   8D3J
#
_cell.length_a   91.466
_cell.length_b   115.320
_cell.length_c   123.974
_cell.angle_alpha   90.000
_cell.angle_beta   90.000
_cell.angle_gamma   90.000
#
_symmetry.space_group_name_H-M   'P 21 21 21'
#
loop_
_entity.id
_entity.type
_entity.pdbx_description
1 polymer 'Apoptosis-inducing factor 1, mitochondrial'
2 non-polymer 1,2-ETHANEDIOL
3 non-polymer 'FLAVIN-ADENINE DINUCLEOTIDE'
4 non-polymer 6-fluoro-2-methylquinolin-4-amine
5 non-polymer 'SULFATE ION'
6 water water
#
_entity_poly.entity_id   1
_entity_poly.type   'polypeptide(L)'
_entity_poly.pdbx_seq_one_letter_code
;MVGAGAYAYKTMKEDEKRYNERISGLGLTPEQKQKKAALSASEGEEVPQDKAPSHVPFLLIGGGTAAFAAARSIRARDPG
ARVLIVSEDPELPYMRPPLSKELWFSDDPNVTKTLRFKQWNGKERSIYFQPPSFYVSAQDLPHIENGGVAVLTGKKVVQL
DVRDNMVKLNDGSQITYEKCLIATGGTPRSLSAIDRAGAEVKSRTTLFRKIGDFRSLEKISREVKSITIIGGGFLGSELA
CALGRKARALGTEVIQLFPEKGNMGKILPEYLSNWTMEKVRREGVKVMPNAIVQSVGVSSGKLLIKLKDGRKVETDHIVA
AVGLEPNVELAKTGGLEIDSDFGGFRVNAELQARSNIWVAGDAACFYDIKLGRRRVEHHDHAVVSGRLAGENMTGAAKPY
WHQSMFWSDLGPDVGYEAIGLVDSSLPTVGVFAKATAQDNPKSATEQSGTGIRSESETESEASEITIPPSTPAVPQAPVQ
GEDYGKGVIFYLRDKVVVGIVLWNIFNRMPIARKIIKDGEQHEDLNEVAKLFNIHEDLEVLFQ
;
_entity_poly.pdbx_strand_id   A,B
#
loop_
_chem_comp.id
_chem_comp.type
_chem_comp.name
_chem_comp.formula
EDO non-polymer 1,2-ETHANEDIOL 'C2 H6 O2'
FAD non-polymer 'FLAVIN-ADENINE DINUCLEOTIDE' 'C27 H33 N9 O15 P2'
QEF non-polymer 6-fluoro-2-methylquinolin-4-amine 'C10 H9 F N2'
SO4 non-polymer 'SULFATE ION' 'O4 S -2'
#
# COMPACT_ATOMS: atom_id res chain seq x y z
N LYS A 51 -13.89 6.54 -35.13
CA LYS A 51 -14.02 5.11 -34.84
C LYS A 51 -14.46 4.88 -33.40
N ALA A 52 -13.64 5.33 -32.46
CA ALA A 52 -13.95 5.13 -31.05
C ALA A 52 -15.18 5.95 -30.65
N PRO A 53 -16.13 5.36 -29.93
CA PRO A 53 -17.27 6.15 -29.45
C PRO A 53 -16.83 7.13 -28.38
N SER A 54 -17.75 8.02 -28.01
CA SER A 54 -17.47 9.02 -27.00
C SER A 54 -17.67 8.51 -25.58
N HIS A 55 -18.48 7.46 -25.41
CA HIS A 55 -18.70 6.87 -24.10
C HIS A 55 -18.86 5.36 -24.25
N VAL A 56 -18.32 4.62 -23.29
CA VAL A 56 -18.44 3.17 -23.28
C VAL A 56 -18.66 2.73 -21.83
N PRO A 57 -19.56 1.78 -21.56
CA PRO A 57 -19.72 1.34 -20.16
C PRO A 57 -18.46 0.73 -19.56
N PHE A 58 -17.83 -0.20 -20.27
CA PHE A 58 -16.64 -0.90 -19.78
C PHE A 58 -15.47 -0.60 -20.70
N LEU A 59 -14.43 0.03 -20.15
CA LEU A 59 -13.23 0.38 -20.89
C LEU A 59 -12.06 -0.43 -20.33
N LEU A 60 -11.41 -1.22 -21.18
CA LEU A 60 -10.25 -2.00 -20.79
C LEU A 60 -9.03 -1.43 -21.50
N ILE A 61 -8.06 -0.95 -20.73
CA ILE A 61 -6.86 -0.32 -21.27
C ILE A 61 -5.78 -1.41 -21.42
N GLY A 62 -5.40 -1.68 -22.67
CA GLY A 62 -4.47 -2.75 -22.97
C GLY A 62 -5.20 -3.94 -23.53
N GLY A 63 -4.66 -4.56 -24.58
CA GLY A 63 -5.34 -5.63 -25.26
C GLY A 63 -4.63 -6.96 -25.17
N GLY A 64 -4.23 -7.34 -23.96
CA GLY A 64 -3.52 -8.59 -23.75
C GLY A 64 -4.35 -9.65 -23.03
N THR A 65 -3.67 -10.53 -22.29
CA THR A 65 -4.34 -11.65 -21.66
C THR A 65 -5.31 -11.21 -20.58
N ALA A 66 -4.88 -10.30 -19.71
CA ALA A 66 -5.75 -9.86 -18.63
C ALA A 66 -6.98 -9.14 -19.16
N ALA A 67 -6.81 -8.30 -20.18
CA ALA A 67 -7.94 -7.57 -20.74
C ALA A 67 -8.96 -8.54 -21.35
N PHE A 68 -8.49 -9.52 -22.12
CA PHE A 68 -9.43 -10.44 -22.76
C PHE A 68 -10.19 -11.26 -21.73
N ALA A 69 -9.50 -11.76 -20.70
CA ALA A 69 -10.18 -12.51 -19.66
C ALA A 69 -11.23 -11.64 -18.97
N ALA A 70 -10.95 -10.35 -18.81
CA ALA A 70 -11.92 -9.45 -18.19
C ALA A 70 -13.12 -9.24 -19.10
N ALA A 71 -12.89 -9.03 -20.40
CA ALA A 71 -14.00 -8.82 -21.33
C ALA A 71 -14.92 -10.04 -21.38
N ARG A 72 -14.34 -11.24 -21.39
CA ARG A 72 -15.15 -12.45 -21.36
C ARG A 72 -15.90 -12.57 -20.05
N SER A 73 -15.26 -12.19 -18.95
CA SER A 73 -15.91 -12.25 -17.64
C SER A 73 -17.06 -11.25 -17.54
N ILE A 74 -16.85 -10.03 -18.02
CA ILE A 74 -17.91 -9.02 -17.99
C ILE A 74 -19.09 -9.48 -18.82
N ARG A 75 -18.83 -10.02 -20.00
CA ARG A 75 -19.94 -10.46 -20.87
C ARG A 75 -20.71 -11.62 -20.26
N ALA A 76 -20.03 -12.48 -19.49
CA ALA A 76 -20.70 -13.60 -18.86
C ALA A 76 -21.50 -13.19 -17.63
N ARG A 77 -21.05 -12.18 -16.90
CA ARG A 77 -21.75 -11.72 -15.71
C ARG A 77 -22.77 -10.64 -16.00
N ASP A 78 -22.62 -9.90 -17.09
CA ASP A 78 -23.53 -8.81 -17.46
C ASP A 78 -23.97 -9.02 -18.90
N PRO A 79 -24.95 -9.89 -19.14
CA PRO A 79 -25.38 -10.14 -20.52
C PRO A 79 -25.72 -8.84 -21.22
N GLY A 80 -25.30 -8.72 -22.47
CA GLY A 80 -25.52 -7.51 -23.23
C GLY A 80 -24.51 -6.41 -23.00
N ALA A 81 -23.50 -6.66 -22.17
CA ALA A 81 -22.54 -5.62 -21.84
C ALA A 81 -21.82 -5.12 -23.08
N ARG A 82 -21.39 -3.87 -23.03
CA ARG A 82 -20.64 -3.24 -24.11
C ARG A 82 -19.24 -2.92 -23.60
N VAL A 83 -18.25 -3.64 -24.12
CA VAL A 83 -16.88 -3.59 -23.63
C VAL A 83 -15.97 -3.11 -24.75
N LEU A 84 -15.17 -2.09 -24.46
CA LEU A 84 -14.20 -1.57 -25.41
C LEU A 84 -12.79 -1.82 -24.89
N ILE A 85 -12.00 -2.55 -25.67
CA ILE A 85 -10.58 -2.75 -25.42
C ILE A 85 -9.80 -1.77 -26.28
N VAL A 86 -8.88 -1.03 -25.67
CA VAL A 86 -7.98 -0.13 -26.38
C VAL A 86 -6.58 -0.72 -26.29
N SER A 87 -6.02 -1.08 -27.45
CA SER A 87 -4.74 -1.76 -27.54
C SER A 87 -3.81 -0.98 -28.46
N GLU A 88 -2.61 -0.68 -27.97
CA GLU A 88 -1.62 0.00 -28.80
C GLU A 88 -1.04 -0.94 -29.86
N ASP A 89 -1.05 -2.24 -29.63
CA ASP A 89 -0.58 -3.18 -30.63
C ASP A 89 -1.58 -3.28 -31.77
N PRO A 90 -1.11 -3.61 -32.98
CA PRO A 90 -2.03 -3.79 -34.11
C PRO A 90 -2.76 -5.12 -34.10
N GLU A 91 -2.39 -6.04 -33.22
CA GLU A 91 -2.97 -7.38 -33.20
C GLU A 91 -4.14 -7.45 -32.23
N LEU A 92 -5.07 -8.35 -32.52
CA LEU A 92 -6.11 -8.68 -31.56
C LEU A 92 -5.50 -9.44 -30.39
N PRO A 93 -6.19 -9.53 -29.27
CA PRO A 93 -5.62 -10.19 -28.09
C PRO A 93 -5.16 -11.61 -28.41
N TYR A 94 -3.95 -11.94 -27.96
CA TYR A 94 -3.39 -13.26 -28.19
C TYR A 94 -2.55 -13.66 -27.00
N MET A 95 -2.33 -14.97 -26.87
CA MET A 95 -1.52 -15.52 -25.80
C MET A 95 -0.06 -15.56 -26.21
N ARG A 96 0.83 -15.31 -25.24
CA ARG A 96 2.26 -15.19 -25.48
C ARG A 96 3.06 -16.48 -25.32
N PRO A 97 2.68 -17.38 -24.40
CA PRO A 97 3.53 -18.55 -24.12
C PRO A 97 3.95 -19.28 -25.38
N PRO A 98 3.07 -19.45 -26.37
CA PRO A 98 3.49 -20.16 -27.59
C PRO A 98 4.62 -19.48 -28.34
N LEU A 99 4.84 -18.18 -28.13
CA LEU A 99 5.88 -17.47 -28.87
C LEU A 99 7.28 -17.96 -28.51
N SER A 100 7.45 -18.62 -27.36
CA SER A 100 8.74 -19.16 -26.95
C SER A 100 8.75 -20.68 -26.90
N LYS A 101 7.66 -21.33 -27.33
CA LYS A 101 7.56 -22.78 -27.22
C LYS A 101 6.92 -23.41 -28.46
N GLU A 102 5.61 -23.66 -28.41
CA GLU A 102 4.99 -24.52 -29.40
C GLU A 102 5.19 -24.00 -30.82
N LEU A 103 5.23 -22.69 -31.01
CA LEU A 103 5.38 -22.16 -32.37
C LEU A 103 6.74 -22.47 -32.97
N TRP A 104 7.74 -22.80 -32.14
CA TRP A 104 9.06 -23.17 -32.64
C TRP A 104 9.20 -24.65 -32.95
N PHE A 105 8.30 -25.49 -32.44
CA PHE A 105 8.38 -26.93 -32.61
C PHE A 105 7.31 -27.45 -33.58
N SER A 106 6.74 -26.57 -34.40
CA SER A 106 5.66 -26.98 -35.29
C SER A 106 6.22 -27.65 -36.54
N ASP A 107 5.53 -28.70 -36.98
CA ASP A 107 5.93 -29.39 -38.21
C ASP A 107 5.55 -28.62 -39.46
N ASP A 108 4.64 -27.64 -39.33
CA ASP A 108 4.24 -26.83 -40.47
C ASP A 108 5.24 -25.69 -40.67
N PRO A 109 5.88 -25.58 -41.84
CA PRO A 109 6.80 -24.47 -42.07
C PRO A 109 6.11 -23.15 -42.35
N ASN A 110 4.79 -23.13 -42.47
CA ASN A 110 4.03 -21.89 -42.59
C ASN A 110 3.53 -21.39 -41.24
N VAL A 111 4.07 -21.91 -40.14
CA VAL A 111 3.57 -21.52 -38.82
C VAL A 111 3.79 -20.05 -38.56
N THR A 112 4.83 -19.45 -39.14
CA THR A 112 5.07 -18.02 -38.94
C THR A 112 3.92 -17.18 -39.50
N LYS A 113 3.24 -17.68 -40.53
CA LYS A 113 2.13 -16.95 -41.13
C LYS A 113 0.80 -17.29 -40.48
N THR A 114 0.54 -18.58 -40.24
CA THR A 114 -0.74 -19.01 -39.68
C THR A 114 -0.83 -18.72 -38.18
N LEU A 115 0.28 -18.81 -37.46
CA LEU A 115 0.29 -18.59 -36.01
C LEU A 115 -0.60 -19.61 -35.29
N ARG A 116 -0.63 -20.83 -35.83
CA ARG A 116 -1.31 -21.96 -35.20
C ARG A 116 -0.27 -22.97 -34.73
N PHE A 117 -0.64 -23.74 -33.70
CA PHE A 117 0.31 -24.65 -33.08
C PHE A 117 -0.45 -25.84 -32.51
N LYS A 118 0.29 -26.92 -32.25
CA LYS A 118 -0.28 -28.15 -31.70
C LYS A 118 -0.07 -28.17 -30.20
N GLN A 119 -1.15 -28.33 -29.44
CA GLN A 119 -1.10 -28.38 -27.98
C GLN A 119 -0.54 -29.71 -27.49
N LYS A 123 -3.71 -31.56 -30.65
CA LYS A 123 -4.79 -30.60 -30.88
C LYS A 123 -4.25 -29.26 -31.35
N GLU A 124 -4.67 -28.84 -32.55
CA GLU A 124 -4.21 -27.59 -33.14
C GLU A 124 -5.11 -26.45 -32.73
N ARG A 125 -4.52 -25.27 -32.55
CA ARG A 125 -5.29 -24.08 -32.23
C ARG A 125 -4.46 -22.84 -32.57
N SER A 126 -5.14 -21.70 -32.58
CA SER A 126 -4.53 -20.43 -32.93
C SER A 126 -4.02 -19.70 -31.69
N ILE A 127 -3.05 -18.81 -31.91
CA ILE A 127 -2.50 -18.03 -30.81
C ILE A 127 -3.48 -16.97 -30.33
N TYR A 128 -4.42 -16.55 -31.18
CA TYR A 128 -5.40 -15.57 -30.77
C TYR A 128 -6.44 -16.20 -29.85
N PHE A 129 -6.90 -15.42 -28.87
CA PHE A 129 -7.92 -15.94 -27.96
C PHE A 129 -9.22 -16.19 -28.70
N GLN A 130 -9.56 -15.34 -29.66
CA GLN A 130 -10.78 -15.50 -30.46
C GLN A 130 -10.50 -15.02 -31.87
N PRO A 131 -11.20 -15.56 -32.86
CA PRO A 131 -11.07 -15.03 -34.23
C PRO A 131 -11.74 -13.68 -34.35
N PRO A 132 -11.44 -12.92 -35.41
CA PRO A 132 -12.08 -11.60 -35.55
C PRO A 132 -13.59 -11.65 -35.49
N SER A 133 -14.20 -12.77 -35.89
CA SER A 133 -15.66 -12.85 -35.91
C SER A 133 -16.26 -12.66 -34.53
N PHE A 134 -15.50 -12.98 -33.48
CA PHE A 134 -16.01 -12.85 -32.11
C PHE A 134 -16.19 -11.40 -31.70
N TYR A 135 -15.51 -10.46 -32.34
CA TYR A 135 -15.53 -9.06 -31.96
C TYR A 135 -16.44 -8.24 -32.86
N VAL A 136 -16.96 -7.13 -32.30
CA VAL A 136 -17.69 -6.13 -33.05
C VAL A 136 -16.82 -4.88 -33.15
N SER A 137 -17.12 -4.03 -34.11
CA SER A 137 -16.35 -2.81 -34.30
C SER A 137 -16.70 -1.79 -33.23
N ALA A 138 -15.73 -0.91 -32.94
CA ALA A 138 -15.93 0.12 -31.93
C ALA A 138 -17.01 1.11 -32.34
N GLN A 139 -17.06 1.47 -33.62
CA GLN A 139 -18.07 2.42 -34.08
C GLN A 139 -19.48 1.89 -33.86
N ASP A 140 -19.68 0.58 -34.05
CA ASP A 140 -20.99 -0.05 -33.92
C ASP A 140 -21.28 -0.53 -32.51
N LEU A 141 -20.30 -0.48 -31.60
CA LEU A 141 -20.52 -1.02 -30.26
C LEU A 141 -21.71 -0.41 -29.55
N PRO A 142 -22.01 0.89 -29.67
CA PRO A 142 -23.18 1.43 -28.95
C PRO A 142 -24.51 0.98 -29.53
N HIS A 143 -24.57 0.65 -30.83
CA HIS A 143 -25.85 0.39 -31.48
C HIS A 143 -26.18 -1.10 -31.62
N ILE A 144 -25.19 -1.99 -31.61
CA ILE A 144 -25.48 -3.40 -31.82
C ILE A 144 -26.36 -3.92 -30.68
N GLU A 145 -27.34 -4.74 -31.04
CA GLU A 145 -28.24 -5.30 -30.05
C GLU A 145 -27.50 -6.31 -29.18
N ASN A 146 -27.71 -6.22 -27.88
CA ASN A 146 -27.04 -7.08 -26.89
C ASN A 146 -25.54 -6.87 -26.86
N GLY A 147 -25.06 -5.74 -27.39
CA GLY A 147 -23.68 -5.33 -27.20
C GLY A 147 -22.67 -6.30 -27.80
N GLY A 148 -21.48 -6.27 -27.23
CA GLY A 148 -20.38 -7.09 -27.71
C GLY A 148 -19.07 -6.57 -27.16
N VAL A 149 -17.98 -7.06 -27.75
CA VAL A 149 -16.63 -6.69 -27.37
C VAL A 149 -15.93 -6.12 -28.60
N ALA A 150 -15.43 -4.91 -28.49
CA ALA A 150 -14.69 -4.25 -29.55
C ALA A 150 -13.26 -4.00 -29.11
N VAL A 151 -12.34 -4.05 -30.08
CA VAL A 151 -10.93 -3.78 -29.83
C VAL A 151 -10.50 -2.66 -30.77
N LEU A 152 -10.09 -1.53 -30.21
CA LEU A 152 -9.56 -0.41 -30.97
C LEU A 152 -8.04 -0.59 -31.04
N THR A 153 -7.56 -1.16 -32.14
CA THR A 153 -6.16 -1.48 -32.30
C THR A 153 -5.37 -0.27 -32.81
N GLY A 154 -4.07 -0.31 -32.58
CA GLY A 154 -3.20 0.79 -33.00
C GLY A 154 -3.48 2.09 -32.29
N LYS A 155 -3.98 2.04 -31.05
CA LYS A 155 -4.30 3.23 -30.28
C LYS A 155 -3.82 3.06 -28.86
N LYS A 156 -3.19 4.11 -28.33
CA LYS A 156 -2.60 4.09 -26.99
C LYS A 156 -3.32 5.12 -26.12
N VAL A 157 -3.73 4.69 -24.93
CA VAL A 157 -4.23 5.61 -23.92
C VAL A 157 -3.03 6.33 -23.31
N VAL A 158 -3.01 7.66 -23.43
CA VAL A 158 -1.89 8.46 -22.96
C VAL A 158 -2.26 9.35 -21.78
N GLN A 159 -3.53 9.48 -21.44
CA GLN A 159 -3.96 10.31 -20.33
C GLN A 159 -5.18 9.69 -19.68
N LEU A 160 -5.19 9.68 -18.35
CA LEU A 160 -6.28 9.11 -17.57
C LEU A 160 -6.75 10.17 -16.58
N ASP A 161 -8.03 10.52 -16.67
CA ASP A 161 -8.65 11.51 -15.78
C ASP A 161 -9.60 10.76 -14.85
N VAL A 162 -9.16 10.52 -13.61
CA VAL A 162 -9.93 9.71 -12.68
C VAL A 162 -11.16 10.46 -12.20
N ARG A 163 -11.05 11.77 -12.01
CA ARG A 163 -12.18 12.54 -11.49
C ARG A 163 -13.36 12.54 -12.47
N ASP A 164 -13.08 12.58 -13.76
CA ASP A 164 -14.12 12.67 -14.78
C ASP A 164 -14.36 11.36 -15.52
N ASN A 165 -13.72 10.27 -15.08
CA ASN A 165 -13.90 8.96 -15.72
C ASN A 165 -13.66 9.05 -17.23
N MET A 166 -12.52 9.62 -17.60
CA MET A 166 -12.21 9.89 -19.00
C MET A 166 -10.77 9.53 -19.30
N VAL A 167 -10.53 9.09 -20.53
CA VAL A 167 -9.19 8.85 -21.06
C VAL A 167 -9.03 9.64 -22.34
N LYS A 168 -7.78 9.95 -22.67
CA LYS A 168 -7.40 10.60 -23.91
C LYS A 168 -6.43 9.71 -24.66
N LEU A 169 -6.70 9.49 -25.94
CA LEU A 169 -5.87 8.62 -26.76
C LEU A 169 -4.75 9.41 -27.43
N ASN A 170 -3.79 8.68 -28.02
CA ASN A 170 -2.66 9.32 -28.67
C ASN A 170 -3.08 10.15 -29.88
N ASP A 171 -4.26 9.90 -30.44
CA ASP A 171 -4.76 10.66 -31.58
C ASP A 171 -5.65 11.81 -31.16
N GLY A 172 -5.70 12.15 -29.87
CA GLY A 172 -6.51 13.24 -29.38
C GLY A 172 -7.93 12.86 -29.02
N SER A 173 -8.37 11.65 -29.35
CA SER A 173 -9.73 11.24 -29.03
C SER A 173 -9.89 11.10 -27.51
N GLN A 174 -11.10 11.41 -27.04
CA GLN A 174 -11.45 11.29 -25.63
C GLN A 174 -12.61 10.33 -25.47
N ILE A 175 -12.54 9.49 -24.44
CA ILE A 175 -13.55 8.47 -24.17
C ILE A 175 -13.88 8.52 -22.69
N THR A 176 -15.17 8.66 -22.38
CA THR A 176 -15.65 8.54 -21.02
C THR A 176 -16.10 7.12 -20.76
N TYR A 177 -16.03 6.71 -19.49
CA TYR A 177 -16.34 5.33 -19.11
C TYR A 177 -17.11 5.35 -17.80
N GLU A 178 -17.72 4.20 -17.50
CA GLU A 178 -18.33 3.96 -16.20
C GLU A 178 -17.46 3.06 -15.32
N LYS A 179 -16.88 2.01 -15.90
CA LYS A 179 -15.91 1.16 -15.23
C LYS A 179 -14.70 0.99 -16.14
N CYS A 180 -13.51 1.05 -15.54
CA CYS A 180 -12.26 1.00 -16.28
C CYS A 180 -11.33 -0.05 -15.67
N LEU A 181 -10.63 -0.78 -16.54
CA LEU A 181 -9.60 -1.73 -16.14
C LEU A 181 -8.28 -1.32 -16.77
N ILE A 182 -7.24 -1.23 -15.95
CA ILE A 182 -5.88 -1.03 -16.43
C ILE A 182 -5.22 -2.40 -16.49
N ALA A 183 -4.88 -2.83 -17.71
CA ALA A 183 -4.23 -4.11 -17.95
C ALA A 183 -3.12 -3.90 -18.97
N THR A 184 -2.20 -3.01 -18.63
CA THR A 184 -1.16 -2.55 -19.55
C THR A 184 0.08 -3.44 -19.56
N GLY A 185 0.14 -4.45 -18.69
CA GLY A 185 1.27 -5.35 -18.71
C GLY A 185 2.58 -4.64 -18.43
N GLY A 186 3.61 -4.98 -19.20
CA GLY A 186 4.92 -4.42 -18.99
C GLY A 186 5.75 -4.42 -20.26
N THR A 187 6.92 -3.78 -20.18
CA THR A 187 7.85 -3.67 -21.29
C THR A 187 9.17 -4.34 -20.94
N PRO A 188 9.79 -5.07 -21.86
CA PRO A 188 11.04 -5.76 -21.51
C PRO A 188 12.12 -4.78 -21.08
N ARG A 189 12.89 -5.18 -20.07
CA ARG A 189 14.05 -4.41 -19.66
C ARG A 189 15.18 -4.58 -20.67
N SER A 190 16.12 -3.65 -20.64
CA SER A 190 17.31 -3.72 -21.48
C SER A 190 18.55 -3.52 -20.63
N LEU A 191 19.67 -4.07 -21.10
CA LEU A 191 20.94 -3.95 -20.40
C LEU A 191 21.52 -2.56 -20.56
N SER A 192 22.16 -2.08 -19.49
CA SER A 192 22.91 -0.82 -19.59
C SER A 192 24.03 -0.94 -20.60
N ALA A 193 24.63 -2.12 -20.73
CA ALA A 193 25.71 -2.31 -21.70
C ALA A 193 25.20 -2.18 -23.13
N ILE A 194 23.95 -2.57 -23.38
CA ILE A 194 23.40 -2.45 -24.72
C ILE A 194 23.04 -1.00 -25.03
N ASP A 195 22.51 -0.29 -24.02
CA ASP A 195 22.10 1.09 -24.24
C ASP A 195 23.28 1.96 -24.66
N ARG A 196 24.46 1.69 -24.11
CA ARG A 196 25.67 2.45 -24.43
C ARG A 196 26.45 1.85 -25.58
N ALA A 197 25.88 0.90 -26.33
CA ALA A 197 26.62 0.17 -27.35
C ALA A 197 26.54 0.81 -28.73
N GLY A 198 25.62 1.74 -28.96
CA GLY A 198 25.48 2.38 -30.26
C GLY A 198 24.31 1.84 -31.04
N ALA A 199 24.07 2.47 -32.19
CA ALA A 199 22.89 2.14 -32.98
C ALA A 199 23.01 0.76 -33.62
N GLU A 200 24.19 0.42 -34.17
CA GLU A 200 24.36 -0.86 -34.83
C GLU A 200 24.08 -2.01 -33.87
N VAL A 201 24.68 -1.95 -32.67
CA VAL A 201 24.44 -3.01 -31.69
C VAL A 201 22.97 -3.06 -31.31
N LYS A 202 22.36 -1.90 -31.08
CA LYS A 202 20.95 -1.86 -30.72
C LYS A 202 20.08 -2.46 -31.81
N SER A 203 20.39 -2.15 -33.07
CA SER A 203 19.60 -2.69 -34.17
C SER A 203 19.77 -4.20 -34.31
N ARG A 204 20.86 -4.76 -33.77
CA ARG A 204 21.10 -6.20 -33.80
C ARG A 204 20.81 -6.85 -32.46
N THR A 205 19.97 -6.24 -31.63
CA THR A 205 19.57 -6.78 -30.34
C THR A 205 18.05 -6.88 -30.28
N THR A 206 17.55 -8.03 -29.85
CA THR A 206 16.12 -8.32 -29.85
C THR A 206 15.59 -8.33 -28.42
N LEU A 207 14.49 -7.62 -28.20
CA LEU A 207 13.70 -7.73 -26.99
C LEU A 207 12.45 -8.53 -27.33
N PHE A 208 12.29 -9.69 -26.69
CA PHE A 208 11.30 -10.67 -27.10
C PHE A 208 10.04 -10.53 -26.25
N ARG A 209 8.92 -10.26 -26.92
CA ARG A 209 7.64 -10.10 -26.22
C ARG A 209 6.45 -10.36 -27.14
N LYS A 210 6.50 -9.84 -28.37
CA LYS A 210 5.35 -9.78 -29.24
C LYS A 210 5.49 -10.72 -30.45
N ILE A 211 4.40 -10.80 -31.22
CA ILE A 211 4.40 -11.63 -32.43
C ILE A 211 5.50 -11.18 -33.38
N GLY A 212 5.69 -9.87 -33.52
CA GLY A 212 6.74 -9.37 -34.40
C GLY A 212 8.11 -9.84 -33.97
N ASP A 213 8.34 -9.94 -32.66
CA ASP A 213 9.64 -10.40 -32.17
C ASP A 213 9.86 -11.86 -32.53
N PHE A 214 8.82 -12.68 -32.43
CA PHE A 214 8.93 -14.08 -32.86
C PHE A 214 9.27 -14.17 -34.34
N ARG A 215 8.55 -13.42 -35.17
CA ARG A 215 8.78 -13.49 -36.61
C ARG A 215 10.16 -12.96 -36.98
N SER A 216 10.61 -11.89 -36.33
CA SER A 216 11.90 -11.32 -36.68
C SER A 216 13.04 -12.24 -36.22
N LEU A 217 12.91 -12.87 -35.06
CA LEU A 217 13.97 -13.75 -34.57
C LEU A 217 13.98 -15.06 -35.34
N GLU A 218 12.81 -15.58 -35.70
CA GLU A 218 12.74 -16.79 -36.51
C GLU A 218 13.44 -16.59 -37.84
N LYS A 219 13.29 -15.40 -38.44
CA LYS A 219 14.00 -15.10 -39.69
C LYS A 219 15.49 -15.00 -39.45
N ILE A 220 15.91 -14.45 -38.31
CA ILE A 220 17.32 -14.33 -38.01
C ILE A 220 17.96 -15.70 -37.84
N SER A 221 17.26 -16.63 -37.18
CA SER A 221 17.81 -17.96 -36.94
C SER A 221 18.06 -18.71 -38.25
N ARG A 222 17.48 -18.26 -39.35
CA ARG A 222 17.69 -18.87 -40.65
C ARG A 222 18.69 -18.11 -41.51
N GLU A 223 19.22 -16.99 -41.02
CA GLU A 223 20.12 -16.15 -41.80
C GLU A 223 21.51 -16.00 -41.21
N VAL A 224 21.66 -16.06 -39.88
CA VAL A 224 22.95 -15.88 -39.23
C VAL A 224 23.41 -17.23 -38.68
N LYS A 225 24.68 -17.28 -38.27
CA LYS A 225 25.27 -18.52 -37.77
C LYS A 225 25.36 -18.59 -36.25
N SER A 226 25.25 -17.46 -35.55
CA SER A 226 25.43 -17.42 -34.10
C SER A 226 24.44 -16.46 -33.47
N ILE A 227 23.66 -16.94 -32.52
CA ILE A 227 22.74 -16.11 -31.74
C ILE A 227 23.08 -16.28 -30.27
N THR A 228 23.14 -15.18 -29.55
CA THR A 228 23.45 -15.17 -28.12
C THR A 228 22.26 -14.67 -27.33
N ILE A 229 21.87 -15.43 -26.31
CA ILE A 229 20.79 -15.07 -25.40
C ILE A 229 21.41 -14.56 -24.11
N ILE A 230 20.99 -13.38 -23.68
CA ILE A 230 21.44 -12.79 -22.42
C ILE A 230 20.27 -12.85 -21.45
N GLY A 231 20.38 -13.74 -20.46
CA GLY A 231 19.31 -13.96 -19.51
C GLY A 231 19.13 -15.44 -19.21
N GLY A 232 19.04 -15.79 -17.93
CA GLY A 232 18.91 -17.17 -17.51
C GLY A 232 17.55 -17.55 -16.96
N GLY A 233 16.54 -16.69 -17.07
CA GLY A 233 15.22 -17.00 -16.55
C GLY A 233 14.40 -17.83 -17.52
N PHE A 234 13.08 -17.75 -17.34
CA PHE A 234 12.17 -18.54 -18.17
C PHE A 234 12.37 -18.23 -19.65
N LEU A 235 12.24 -16.96 -20.03
CA LEU A 235 12.28 -16.59 -21.44
C LEU A 235 13.61 -16.99 -22.08
N GLY A 236 14.72 -16.64 -21.43
CA GLY A 236 16.02 -16.99 -21.98
C GLY A 236 16.21 -18.48 -22.15
N SER A 237 15.77 -19.26 -21.18
CA SER A 237 15.98 -20.71 -21.23
C SER A 237 15.08 -21.36 -22.27
N GLU A 238 13.83 -20.90 -22.38
CA GLU A 238 12.93 -21.48 -23.37
C GLU A 238 13.36 -21.11 -24.79
N LEU A 239 13.79 -19.87 -25.01
CA LEU A 239 14.30 -19.49 -26.33
C LEU A 239 15.57 -20.25 -26.66
N ALA A 240 16.41 -20.55 -25.66
CA ALA A 240 17.63 -21.31 -25.92
C ALA A 240 17.30 -22.71 -26.42
N CYS A 241 16.34 -23.37 -25.78
CA CYS A 241 15.92 -24.70 -26.24
C CYS A 241 15.27 -24.63 -27.61
N ALA A 242 14.49 -23.57 -27.87
CA ALA A 242 13.86 -23.43 -29.17
C ALA A 242 14.89 -23.16 -30.26
N LEU A 243 15.74 -22.15 -30.05
CA LEU A 243 16.78 -21.86 -31.03
C LEU A 243 17.78 -23.02 -31.11
N GLY A 244 17.97 -23.76 -30.03
CA GLY A 244 18.85 -24.91 -30.07
C GLY A 244 18.31 -26.01 -30.96
N ARG A 245 17.00 -26.24 -30.92
CA ARG A 245 16.40 -27.23 -31.82
C ARG A 245 16.54 -26.81 -33.27
N LYS A 246 16.29 -25.53 -33.56
CA LYS A 246 16.46 -25.04 -34.91
C LYS A 246 17.91 -25.08 -35.36
N ALA A 247 18.86 -24.87 -34.43
CA ALA A 247 20.27 -24.82 -34.80
C ALA A 247 20.82 -26.20 -35.08
N ARG A 248 20.31 -27.23 -34.41
CA ARG A 248 20.81 -28.58 -34.65
C ARG A 248 20.56 -29.01 -36.09
N ALA A 249 19.41 -28.61 -36.65
CA ALA A 249 19.09 -29.00 -38.02
C ALA A 249 19.87 -28.20 -39.05
N LEU A 250 20.16 -26.93 -38.76
CA LEU A 250 20.86 -26.06 -39.70
C LEU A 250 22.36 -26.00 -39.45
N GLY A 251 22.86 -26.60 -38.38
CA GLY A 251 24.28 -26.57 -38.07
C GLY A 251 24.79 -25.24 -37.55
N THR A 252 23.95 -24.45 -36.89
CA THR A 252 24.32 -23.14 -36.39
C THR A 252 24.58 -23.20 -34.89
N GLU A 253 24.88 -22.03 -34.32
CA GLU A 253 25.35 -21.90 -32.94
C GLU A 253 24.35 -21.10 -32.12
N VAL A 254 24.12 -21.52 -30.89
CA VAL A 254 23.28 -20.79 -29.93
C VAL A 254 24.02 -20.72 -28.60
N ILE A 255 24.12 -19.51 -28.05
CA ILE A 255 24.80 -19.26 -26.79
C ILE A 255 23.82 -18.64 -25.81
N GLN A 256 23.90 -19.05 -24.55
CA GLN A 256 23.12 -18.45 -23.46
C GLN A 256 24.06 -18.16 -22.31
N LEU A 257 24.13 -16.90 -21.89
CA LEU A 257 24.98 -16.48 -20.78
C LEU A 257 24.16 -15.68 -19.78
N PHE A 258 24.53 -15.79 -18.52
CA PHE A 258 23.82 -15.11 -17.44
C PHE A 258 24.71 -15.09 -16.21
N PRO A 259 24.47 -14.17 -15.27
CA PRO A 259 25.37 -14.05 -14.11
C PRO A 259 25.18 -15.13 -13.05
N GLU A 260 24.03 -15.81 -13.01
CA GLU A 260 23.80 -16.80 -11.97
C GLU A 260 24.65 -18.04 -12.23
N LYS A 261 24.62 -18.97 -11.26
CA LYS A 261 25.36 -20.21 -11.39
C LYS A 261 24.68 -21.21 -12.31
N GLY A 262 23.39 -21.02 -12.61
CA GLY A 262 22.68 -21.95 -13.47
C GLY A 262 21.35 -21.37 -13.89
N ASN A 263 20.75 -22.03 -14.88
CA ASN A 263 19.45 -21.60 -15.39
C ASN A 263 18.42 -21.60 -14.27
N MET A 264 17.56 -20.58 -14.28
CA MET A 264 16.46 -20.48 -13.32
C MET A 264 16.98 -20.38 -11.90
N GLY A 265 18.18 -19.80 -11.73
CA GLY A 265 18.80 -19.78 -10.42
C GLY A 265 18.01 -19.00 -9.39
N LYS A 266 17.20 -18.04 -9.84
CA LYS A 266 16.37 -17.26 -8.93
C LYS A 266 15.11 -18.01 -8.50
N ILE A 267 14.71 -19.03 -9.25
CA ILE A 267 13.44 -19.73 -9.01
C ILE A 267 13.68 -21.09 -8.35
N LEU A 268 14.62 -21.88 -8.89
CA LEU A 268 14.85 -23.24 -8.44
C LEU A 268 16.07 -23.31 -7.53
N PRO A 269 16.11 -24.27 -6.61
CA PRO A 269 17.32 -24.45 -5.78
C PRO A 269 18.52 -24.76 -6.66
N GLU A 270 19.71 -24.57 -6.09
CA GLU A 270 20.94 -24.65 -6.87
C GLU A 270 21.09 -26.03 -7.54
N TYR A 271 20.83 -27.09 -6.79
CA TYR A 271 21.02 -28.44 -7.35
C TYR A 271 20.10 -28.67 -8.53
N LEU A 272 18.87 -28.16 -8.47
CA LEU A 272 17.93 -28.34 -9.57
C LEU A 272 18.22 -27.36 -10.71
N SER A 273 18.69 -26.16 -10.39
CA SER A 273 19.13 -25.23 -11.42
C SER A 273 20.30 -25.80 -12.22
N ASN A 274 21.25 -26.41 -11.52
CA ASN A 274 22.40 -27.01 -12.22
C ASN A 274 21.94 -28.16 -13.11
N TRP A 275 21.05 -29.02 -12.60
CA TRP A 275 20.50 -30.09 -13.42
C TRP A 275 19.82 -29.52 -14.67
N THR A 276 19.09 -28.42 -14.51
CA THR A 276 18.42 -27.80 -15.65
C THR A 276 19.42 -27.26 -16.66
N MET A 277 20.53 -26.70 -16.17
CA MET A 277 21.54 -26.17 -17.09
C MET A 277 22.09 -27.26 -18.00
N GLU A 278 22.30 -28.46 -17.45
CA GLU A 278 22.83 -29.56 -18.26
C GLU A 278 21.82 -29.98 -19.33
N LYS A 279 20.53 -29.96 -19.00
CA LYS A 279 19.51 -30.32 -19.98
C LYS A 279 19.44 -29.29 -21.11
N VAL A 280 19.58 -28.01 -20.78
CA VAL A 280 19.63 -26.99 -21.82
C VAL A 280 20.85 -27.19 -22.71
N ARG A 281 21.99 -27.53 -22.10
CA ARG A 281 23.20 -27.77 -22.89
C ARG A 281 23.02 -28.92 -23.87
N ARG A 282 22.30 -29.96 -23.45
CA ARG A 282 22.08 -31.11 -24.32
C ARG A 282 21.04 -30.85 -25.40
N GLU A 283 20.38 -29.69 -25.39
CA GLU A 283 19.56 -29.27 -26.51
C GLU A 283 20.36 -28.55 -27.59
N GLY A 284 21.68 -28.51 -27.45
CA GLY A 284 22.52 -27.84 -28.42
C GLY A 284 22.83 -26.40 -28.11
N VAL A 285 22.91 -26.03 -26.84
CA VAL A 285 23.17 -24.66 -26.43
C VAL A 285 24.49 -24.62 -25.67
N LYS A 286 25.30 -23.60 -25.97
CA LYS A 286 26.52 -23.33 -25.21
C LYS A 286 26.14 -22.38 -24.07
N VAL A 287 26.01 -22.93 -22.87
CA VAL A 287 25.55 -22.17 -21.71
C VAL A 287 26.76 -21.70 -20.93
N MET A 288 26.82 -20.39 -20.66
CA MET A 288 27.92 -19.77 -19.93
C MET A 288 27.38 -19.15 -18.65
N PRO A 289 27.39 -19.88 -17.53
CA PRO A 289 26.99 -19.28 -16.26
C PRO A 289 28.08 -18.38 -15.71
N ASN A 290 27.72 -17.64 -14.65
CA ASN A 290 28.65 -16.74 -13.96
C ASN A 290 29.18 -15.66 -14.90
N ALA A 291 28.37 -15.23 -15.86
CA ALA A 291 28.78 -14.30 -16.89
C ALA A 291 28.10 -12.95 -16.67
N ILE A 292 28.90 -11.91 -16.45
CA ILE A 292 28.42 -10.54 -16.29
C ILE A 292 28.92 -9.75 -17.50
N VAL A 293 27.99 -9.14 -18.24
CA VAL A 293 28.34 -8.38 -19.44
C VAL A 293 28.91 -7.03 -19.02
N GLN A 294 30.14 -6.75 -19.46
CA GLN A 294 30.77 -5.46 -19.20
C GLN A 294 30.55 -4.47 -20.33
N SER A 295 30.55 -4.94 -21.57
CA SER A 295 30.38 -4.06 -22.73
C SER A 295 30.03 -4.92 -23.94
N VAL A 296 29.54 -4.24 -24.98
CA VAL A 296 29.20 -4.89 -26.25
C VAL A 296 29.59 -3.95 -27.38
N GLY A 297 30.25 -4.50 -28.40
CA GLY A 297 30.69 -3.72 -29.53
C GLY A 297 30.67 -4.55 -30.80
N VAL A 298 31.00 -3.90 -31.91
CA VAL A 298 31.07 -4.53 -33.22
C VAL A 298 32.53 -4.70 -33.60
N SER A 299 32.90 -5.92 -34.02
CA SER A 299 34.27 -6.23 -34.39
C SER A 299 34.24 -7.07 -35.66
N SER A 300 34.78 -6.52 -36.75
CA SER A 300 34.84 -7.23 -38.03
C SER A 300 33.45 -7.68 -38.47
N GLY A 301 32.46 -6.81 -38.28
CA GLY A 301 31.10 -7.10 -38.68
C GLY A 301 30.30 -7.93 -37.69
N LYS A 302 30.93 -8.53 -36.70
CA LYS A 302 30.26 -9.35 -35.71
C LYS A 302 30.14 -8.61 -34.38
N LEU A 303 29.23 -9.09 -33.55
CA LEU A 303 29.04 -8.55 -32.21
C LEU A 303 30.02 -9.21 -31.25
N LEU A 304 30.70 -8.40 -30.44
CA LEU A 304 31.67 -8.87 -29.47
C LEU A 304 31.17 -8.51 -28.07
N ILE A 305 30.91 -9.53 -27.26
CA ILE A 305 30.42 -9.34 -25.89
C ILE A 305 31.61 -9.53 -24.95
N LYS A 306 31.96 -8.48 -24.23
CA LYS A 306 33.02 -8.52 -23.24
C LYS A 306 32.42 -8.77 -21.86
N LEU A 307 32.91 -9.81 -21.18
CA LEU A 307 32.46 -10.14 -19.84
C LEU A 307 33.43 -9.58 -18.80
N LYS A 308 32.91 -9.33 -17.60
CA LYS A 308 33.73 -8.74 -16.55
C LYS A 308 34.89 -9.67 -16.16
N ASP A 309 34.71 -10.98 -16.33
CA ASP A 309 35.73 -11.95 -15.93
C ASP A 309 36.81 -12.15 -16.98
N GLY A 310 36.78 -11.39 -18.08
CA GLY A 310 37.80 -11.46 -19.09
C GLY A 310 37.42 -12.23 -20.34
N ARG A 311 36.41 -13.10 -20.24
CA ARG A 311 36.01 -13.88 -21.40
C ARG A 311 35.36 -12.98 -22.46
N LYS A 312 35.40 -13.45 -23.70
CA LYS A 312 34.82 -12.74 -24.83
C LYS A 312 33.99 -13.70 -25.68
N VAL A 313 32.86 -13.23 -26.17
CA VAL A 313 31.94 -14.03 -26.97
C VAL A 313 31.67 -13.29 -28.27
N GLU A 314 31.96 -13.92 -29.40
CA GLU A 314 31.65 -13.39 -30.71
C GLU A 314 30.36 -14.02 -31.21
N THR A 315 29.47 -13.19 -31.74
CA THR A 315 28.16 -13.68 -32.19
C THR A 315 27.61 -12.72 -33.24
N ASP A 316 26.54 -13.16 -33.90
CA ASP A 316 25.90 -12.38 -34.96
C ASP A 316 24.67 -11.63 -34.50
N HIS A 317 23.98 -12.11 -33.46
CA HIS A 317 22.76 -11.46 -32.99
C HIS A 317 22.60 -11.75 -31.50
N ILE A 318 22.03 -10.78 -30.79
CA ILE A 318 21.81 -10.89 -29.34
C ILE A 318 20.32 -10.81 -29.06
N VAL A 319 19.86 -11.66 -28.14
CA VAL A 319 18.49 -11.62 -27.63
C VAL A 319 18.57 -11.30 -26.15
N ALA A 320 18.01 -10.16 -25.75
CA ALA A 320 18.04 -9.73 -24.35
C ALA A 320 16.76 -10.17 -23.67
N ALA A 321 16.89 -11.07 -22.69
CA ALA A 321 15.76 -11.59 -21.92
C ALA A 321 16.07 -11.37 -20.44
N VAL A 322 16.00 -10.12 -20.00
CA VAL A 322 16.44 -9.74 -18.67
C VAL A 322 15.33 -9.04 -17.90
N GLY A 323 14.11 -9.57 -17.97
CA GLY A 323 13.05 -9.13 -17.10
C GLY A 323 12.12 -8.12 -17.75
N LEU A 324 11.20 -7.63 -16.93
CA LEU A 324 10.07 -6.83 -17.39
C LEU A 324 9.88 -5.62 -16.49
N GLU A 325 9.50 -4.49 -17.09
CA GLU A 325 9.18 -3.28 -16.34
C GLU A 325 7.69 -3.01 -16.45
N PRO A 326 6.94 -2.89 -15.35
CA PRO A 326 5.51 -2.61 -15.46
C PRO A 326 5.24 -1.28 -16.15
N ASN A 327 4.23 -1.28 -17.01
CA ASN A 327 3.81 -0.08 -17.74
C ASN A 327 2.89 0.73 -16.83
N VAL A 328 3.46 1.71 -16.14
CA VAL A 328 2.73 2.54 -15.19
C VAL A 328 2.69 4.01 -15.62
N GLU A 329 2.88 4.27 -16.92
CA GLU A 329 2.85 5.65 -17.41
C GLU A 329 1.58 6.38 -16.97
N LEU A 330 0.44 5.69 -16.96
CA LEU A 330 -0.83 6.34 -16.68
C LEU A 330 -0.99 6.75 -15.22
N ALA A 331 -0.11 6.29 -14.32
CA ALA A 331 -0.23 6.68 -12.92
C ALA A 331 0.00 8.17 -12.73
N LYS A 332 0.81 8.79 -13.60
CA LYS A 332 1.11 10.21 -13.46
C LYS A 332 -0.14 11.05 -13.62
N THR A 333 -0.77 11.00 -14.81
CA THR A 333 -1.96 11.81 -15.05
C THR A 333 -3.12 11.37 -14.17
N GLY A 334 -3.25 10.07 -13.93
CA GLY A 334 -4.34 9.57 -13.13
C GLY A 334 -4.18 9.77 -11.63
N GLY A 335 -3.00 10.19 -11.19
CA GLY A 335 -2.76 10.31 -9.76
C GLY A 335 -2.92 9.00 -9.02
N LEU A 336 -2.47 7.91 -9.63
CA LEU A 336 -2.58 6.58 -9.05
C LEU A 336 -1.28 6.19 -8.35
N GLU A 337 -1.43 5.43 -7.27
CA GLU A 337 -0.28 5.02 -6.48
C GLU A 337 0.44 3.85 -7.14
N ILE A 338 1.76 3.92 -7.17
CA ILE A 338 2.59 2.82 -7.63
C ILE A 338 3.32 2.25 -6.41
N ASP A 339 3.63 0.97 -6.47
CA ASP A 339 4.29 0.28 -5.37
C ASP A 339 5.80 0.32 -5.57
N SER A 340 6.51 0.96 -4.64
CA SER A 340 7.94 1.14 -4.77
C SER A 340 8.73 -0.15 -4.53
N ASP A 341 8.13 -1.12 -3.82
CA ASP A 341 8.84 -2.36 -3.52
C ASP A 341 8.73 -3.35 -4.67
N PHE A 342 7.51 -3.58 -5.18
CA PHE A 342 7.27 -4.56 -6.22
C PHE A 342 7.07 -3.95 -7.60
N GLY A 343 6.91 -2.64 -7.69
CA GLY A 343 6.51 -2.01 -8.93
C GLY A 343 5.05 -2.23 -9.23
N GLY A 344 4.54 -1.46 -10.17
CA GLY A 344 3.18 -1.60 -10.65
C GLY A 344 2.19 -0.75 -9.90
N PHE A 345 0.95 -0.79 -10.38
CA PHE A 345 -0.15 -0.09 -9.71
C PHE A 345 -0.50 -0.79 -8.42
N ARG A 346 -0.54 -0.04 -7.32
CA ARG A 346 -0.93 -0.59 -6.03
C ARG A 346 -2.45 -0.69 -5.96
N VAL A 347 -2.96 -1.90 -5.78
CA VAL A 347 -4.40 -2.16 -5.65
C VAL A 347 -4.60 -3.06 -4.44
N ASN A 348 -5.86 -3.18 -4.03
CA ASN A 348 -6.21 -3.95 -2.85
C ASN A 348 -6.53 -5.39 -3.23
N ALA A 349 -7.14 -6.14 -2.30
CA ALA A 349 -7.38 -7.56 -2.53
C ALA A 349 -8.36 -7.79 -3.67
N GLU A 350 -9.25 -6.83 -3.92
CA GLU A 350 -10.22 -6.91 -5.01
C GLU A 350 -9.67 -6.36 -6.32
N LEU A 351 -8.37 -6.04 -6.37
CA LEU A 351 -7.71 -5.48 -7.55
C LEU A 351 -8.20 -4.08 -7.88
N GLN A 352 -8.78 -3.38 -6.92
CA GLN A 352 -9.33 -2.05 -7.15
C GLN A 352 -8.33 -0.98 -6.72
N ALA A 353 -8.22 0.06 -7.55
CA ALA A 353 -7.39 1.22 -7.26
C ALA A 353 -8.23 2.40 -6.76
N ARG A 354 -9.30 2.72 -7.48
CA ARG A 354 -10.22 3.79 -7.10
C ARG A 354 -11.64 3.31 -7.36
N SER A 355 -12.61 4.21 -7.18
CA SER A 355 -14.02 3.81 -7.16
C SER A 355 -14.42 3.04 -8.41
N ASN A 356 -13.93 3.45 -9.59
CA ASN A 356 -14.31 2.81 -10.84
C ASN A 356 -13.11 2.37 -11.66
N ILE A 357 -12.00 2.05 -11.00
CA ILE A 357 -10.77 1.67 -11.70
C ILE A 357 -10.17 0.45 -11.02
N TRP A 358 -9.97 -0.61 -11.79
CA TRP A 358 -9.29 -1.82 -11.35
C TRP A 358 -8.02 -2.02 -12.17
N VAL A 359 -7.14 -2.89 -11.68
CA VAL A 359 -5.90 -3.22 -12.37
C VAL A 359 -5.70 -4.73 -12.28
N ALA A 360 -5.24 -5.33 -13.38
CA ALA A 360 -5.03 -6.77 -13.44
C ALA A 360 -3.78 -7.07 -14.26
N GLY A 361 -3.30 -8.30 -14.14
CA GLY A 361 -2.18 -8.74 -14.95
C GLY A 361 -0.82 -8.37 -14.37
N ASP A 362 0.17 -8.30 -15.27
CA ASP A 362 1.54 -8.06 -14.86
C ASP A 362 1.69 -6.72 -14.13
N ALA A 363 0.85 -5.75 -14.44
CA ALA A 363 1.00 -4.39 -13.92
C ALA A 363 0.37 -4.20 -12.55
N ALA A 364 -0.29 -5.21 -11.99
CA ALA A 364 -1.10 -5.06 -10.78
C ALA A 364 -0.31 -5.57 -9.58
N CYS A 365 0.07 -4.66 -8.69
CA CYS A 365 0.57 -5.03 -7.37
C CYS A 365 -0.64 -5.07 -6.43
N PHE A 366 -1.01 -6.27 -5.99
CA PHE A 366 -2.25 -6.49 -5.26
C PHE A 366 -1.94 -7.08 -3.89
N TYR A 367 -2.94 -7.05 -3.02
CA TYR A 367 -2.83 -7.62 -1.68
C TYR A 367 -3.41 -9.02 -1.70
N ASP A 368 -2.58 -10.01 -1.36
CA ASP A 368 -3.04 -11.38 -1.22
C ASP A 368 -3.36 -11.60 0.26
N ILE A 369 -4.64 -11.82 0.56
CA ILE A 369 -5.04 -11.98 1.96
C ILE A 369 -4.27 -13.10 2.62
N LYS A 370 -3.83 -14.09 1.84
CA LYS A 370 -3.12 -15.26 2.37
C LYS A 370 -1.61 -15.08 2.35
N LEU A 371 -1.06 -14.60 1.22
CA LEU A 371 0.38 -14.58 1.00
C LEU A 371 1.01 -13.19 1.12
N GLY A 372 0.21 -12.15 1.36
CA GLY A 372 0.72 -10.79 1.45
C GLY A 372 0.78 -10.10 0.10
N ARG A 373 1.31 -8.88 0.11
CA ARG A 373 1.34 -8.07 -1.09
C ARG A 373 2.29 -8.67 -2.12
N ARG A 374 1.85 -8.74 -3.38
CA ARG A 374 2.62 -9.38 -4.43
C ARG A 374 2.38 -8.66 -5.76
N ARG A 375 3.26 -8.94 -6.71
CA ARG A 375 3.00 -8.69 -8.12
C ARG A 375 3.48 -9.91 -8.89
N VAL A 376 2.62 -10.42 -9.76
CA VAL A 376 2.85 -11.69 -10.43
C VAL A 376 2.80 -11.48 -11.94
N GLU A 377 3.68 -12.16 -12.66
CA GLU A 377 3.77 -12.04 -14.11
C GLU A 377 3.59 -13.40 -14.77
N HIS A 378 2.44 -14.04 -14.55
CA HIS A 378 2.12 -15.34 -15.13
C HIS A 378 0.96 -15.20 -16.10
N HIS A 379 0.96 -16.04 -17.14
CA HIS A 379 -0.18 -16.08 -18.05
C HIS A 379 -1.47 -16.40 -17.30
N ASP A 380 -1.45 -17.47 -16.51
CA ASP A 380 -2.64 -17.85 -15.74
C ASP A 380 -3.04 -16.76 -14.77
N HIS A 381 -2.08 -16.01 -14.22
CA HIS A 381 -2.43 -14.95 -13.31
C HIS A 381 -3.16 -13.82 -14.03
N ALA A 382 -2.72 -13.49 -15.25
CA ALA A 382 -3.44 -12.50 -16.03
C ALA A 382 -4.86 -12.96 -16.31
N VAL A 383 -5.03 -14.26 -16.60
CA VAL A 383 -6.37 -14.80 -16.82
C VAL A 383 -7.19 -14.70 -15.54
N VAL A 384 -6.64 -15.20 -14.43
CA VAL A 384 -7.39 -15.24 -13.18
C VAL A 384 -7.69 -13.83 -12.69
N SER A 385 -6.67 -12.97 -12.65
CA SER A 385 -6.88 -11.62 -12.15
C SER A 385 -7.75 -10.81 -13.10
N GLY A 386 -7.59 -11.01 -14.41
CA GLY A 386 -8.45 -10.33 -15.36
C GLY A 386 -9.91 -10.70 -15.21
N ARG A 387 -10.20 -12.00 -15.02
N ARG A 387 -10.18 -12.00 -15.03
CA ARG A 387 -11.60 -12.38 -14.87
CA ARG A 387 -11.56 -12.46 -14.84
C ARG A 387 -12.14 -11.97 -13.50
C ARG A 387 -12.12 -11.96 -13.52
N LEU A 388 -11.29 -11.93 -12.47
CA LEU A 388 -11.74 -11.43 -11.18
C LEU A 388 -12.09 -9.95 -11.27
N ALA A 389 -11.23 -9.17 -11.92
CA ALA A 389 -11.53 -7.75 -12.11
C ALA A 389 -12.82 -7.56 -12.88
N GLY A 390 -13.05 -8.37 -13.91
CA GLY A 390 -14.30 -8.28 -14.65
C GLY A 390 -15.51 -8.55 -13.79
N GLU A 391 -15.40 -9.51 -12.87
CA GLU A 391 -16.52 -9.79 -11.98
C GLU A 391 -16.75 -8.65 -11.01
N ASN A 392 -15.67 -8.07 -10.47
CA ASN A 392 -15.82 -6.96 -9.55
C ASN A 392 -16.27 -5.69 -10.25
N MET A 393 -15.97 -5.56 -11.55
CA MET A 393 -16.51 -4.44 -12.32
C MET A 393 -18.01 -4.57 -12.55
N THR A 394 -18.59 -5.74 -12.28
CA THR A 394 -20.03 -5.96 -12.37
C THR A 394 -20.63 -6.24 -11.01
N GLY A 395 -19.98 -5.80 -9.94
CA GLY A 395 -20.56 -5.79 -8.61
C GLY A 395 -20.19 -6.94 -7.68
N ALA A 396 -19.22 -7.77 -8.06
CA ALA A 396 -18.96 -8.98 -7.28
C ALA A 396 -18.27 -8.66 -5.96
N ALA A 397 -17.32 -7.73 -5.96
CA ALA A 397 -16.57 -7.37 -4.76
C ALA A 397 -15.88 -8.58 -4.14
N LYS A 398 -15.18 -9.35 -4.98
CA LYS A 398 -14.52 -10.57 -4.53
C LYS A 398 -13.02 -10.37 -4.40
N PRO A 399 -12.38 -10.91 -3.37
CA PRO A 399 -10.94 -10.80 -3.24
C PRO A 399 -10.20 -11.88 -4.01
N TYR A 400 -8.97 -11.57 -4.39
CA TYR A 400 -8.11 -12.57 -5.03
C TYR A 400 -7.93 -13.73 -4.09
N TRP A 401 -8.37 -14.91 -4.52
CA TRP A 401 -8.46 -16.08 -3.64
C TRP A 401 -7.95 -17.32 -4.35
N HIS A 402 -8.40 -17.55 -5.59
CA HIS A 402 -7.94 -18.71 -6.35
C HIS A 402 -6.50 -18.44 -6.78
N GLN A 403 -5.58 -19.29 -6.34
CA GLN A 403 -4.16 -19.10 -6.62
C GLN A 403 -3.80 -19.55 -8.03
N SER A 404 -3.28 -18.61 -8.82
CA SER A 404 -2.87 -18.90 -10.18
C SER A 404 -1.56 -19.68 -10.20
N MET A 405 -1.40 -20.51 -11.24
CA MET A 405 -0.22 -21.34 -11.44
C MET A 405 0.56 -20.86 -12.66
N PHE A 406 1.81 -21.32 -12.77
CA PHE A 406 2.56 -21.12 -13.99
C PHE A 406 3.30 -22.41 -14.33
N TRP A 407 3.85 -22.46 -15.54
CA TRP A 407 4.51 -23.65 -16.03
C TRP A 407 5.64 -23.25 -16.97
N SER A 408 6.51 -24.20 -17.26
CA SER A 408 7.60 -23.99 -18.18
C SER A 408 8.01 -25.33 -18.77
N ASP A 409 8.43 -25.30 -20.03
CA ASP A 409 8.90 -26.48 -20.75
C ASP A 409 10.26 -26.15 -21.36
N LEU A 410 11.28 -26.91 -20.98
CA LEU A 410 12.65 -26.70 -21.44
C LEU A 410 13.13 -27.97 -22.13
N GLY A 411 12.52 -28.30 -23.26
CA GLY A 411 12.86 -29.49 -23.98
C GLY A 411 11.89 -30.61 -23.71
N PRO A 412 12.25 -31.83 -24.10
CA PRO A 412 11.35 -32.97 -23.89
C PRO A 412 11.43 -33.54 -22.48
N ASP A 413 12.61 -33.47 -21.86
CA ASP A 413 12.85 -34.09 -20.57
C ASP A 413 12.68 -33.12 -19.41
N VAL A 414 12.19 -31.90 -19.65
CA VAL A 414 12.05 -30.89 -18.60
C VAL A 414 10.71 -30.18 -18.80
N GLY A 415 9.78 -30.44 -17.89
CA GLY A 415 8.55 -29.68 -17.81
C GLY A 415 8.11 -29.61 -16.36
N TYR A 416 7.79 -28.41 -15.88
CA TYR A 416 7.40 -28.27 -14.48
C TYR A 416 6.31 -27.23 -14.33
N GLU A 417 5.52 -27.40 -13.27
CA GLU A 417 4.46 -26.48 -12.90
C GLU A 417 4.75 -25.94 -11.50
N ALA A 418 4.23 -24.75 -11.22
CA ALA A 418 4.53 -24.08 -9.96
C ALA A 418 3.32 -23.26 -9.54
N ILE A 419 3.27 -22.97 -8.23
CA ILE A 419 2.14 -22.24 -7.66
C ILE A 419 2.59 -21.63 -6.34
N GLY A 420 2.07 -20.44 -6.04
CA GLY A 420 2.37 -19.78 -4.79
C GLY A 420 3.65 -18.95 -4.84
N LEU A 421 4.29 -18.79 -3.69
CA LEU A 421 5.52 -18.00 -3.58
C LEU A 421 6.69 -18.92 -3.88
N VAL A 422 7.21 -18.84 -5.11
CA VAL A 422 8.32 -19.67 -5.56
C VAL A 422 9.53 -18.76 -5.74
N ASP A 423 10.52 -18.95 -4.88
CA ASP A 423 11.68 -18.06 -4.84
C ASP A 423 12.84 -18.82 -4.22
N SER A 424 13.96 -18.89 -4.94
CA SER A 424 15.10 -19.68 -4.46
C SER A 424 15.71 -19.10 -3.19
N SER A 425 15.37 -17.87 -2.81
CA SER A 425 15.85 -17.31 -1.56
C SER A 425 15.13 -17.90 -0.36
N LEU A 426 13.96 -18.48 -0.56
CA LEU A 426 13.23 -19.12 0.53
C LEU A 426 13.83 -20.49 0.82
N PRO A 427 13.69 -21.00 2.05
CA PRO A 427 14.12 -22.37 2.32
C PRO A 427 13.25 -23.36 1.57
N THR A 428 13.87 -24.41 1.05
CA THR A 428 13.19 -25.39 0.21
C THR A 428 13.47 -26.80 0.68
N VAL A 429 12.50 -27.68 0.44
CA VAL A 429 12.63 -29.11 0.68
C VAL A 429 12.22 -29.81 -0.60
N GLY A 430 13.15 -30.58 -1.18
CA GLY A 430 12.92 -31.27 -2.44
C GLY A 430 12.87 -32.77 -2.22
N VAL A 431 11.77 -33.38 -2.70
CA VAL A 431 11.57 -34.83 -2.64
C VAL A 431 11.49 -35.31 -4.08
N PHE A 432 12.47 -36.16 -4.47
CA PHE A 432 12.59 -36.62 -5.84
C PHE A 432 12.58 -38.14 -5.89
N ALA A 433 12.10 -38.68 -7.01
CA ALA A 433 12.07 -40.12 -7.23
C ALA A 433 13.05 -40.49 -8.34
N TYR A 484 17.25 -36.37 -10.92
CA TYR A 484 16.13 -35.50 -10.57
C TYR A 484 15.04 -35.58 -11.63
N GLY A 485 14.66 -36.80 -12.01
CA GLY A 485 13.63 -37.00 -13.01
C GLY A 485 12.30 -36.38 -12.64
N LYS A 486 11.67 -36.91 -11.58
CA LYS A 486 10.41 -36.39 -11.07
C LYS A 486 10.56 -36.07 -9.59
N GLY A 487 9.84 -35.04 -9.15
CA GLY A 487 9.89 -34.66 -7.75
C GLY A 487 9.08 -33.41 -7.49
N VAL A 488 8.99 -33.06 -6.21
CA VAL A 488 8.26 -31.88 -5.76
C VAL A 488 9.16 -31.09 -4.82
N ILE A 489 9.17 -29.77 -4.99
CA ILE A 489 9.98 -28.87 -4.18
C ILE A 489 9.03 -27.95 -3.41
N PHE A 490 9.10 -28.02 -2.08
CA PHE A 490 8.26 -27.18 -1.21
C PHE A 490 9.04 -25.94 -0.81
N TYR A 491 8.40 -24.78 -0.93
CA TYR A 491 8.97 -23.51 -0.50
C TYR A 491 8.27 -23.06 0.78
N LEU A 492 9.06 -22.80 1.82
CA LEU A 492 8.54 -22.65 3.17
C LEU A 492 8.72 -21.23 3.68
N ARG A 493 7.79 -20.80 4.52
CA ARG A 493 7.90 -19.51 5.21
C ARG A 493 7.13 -19.63 6.52
N ASP A 494 7.85 -19.62 7.64
CA ASP A 494 7.26 -19.78 8.97
C ASP A 494 6.69 -21.19 9.16
N LYS A 495 7.40 -22.20 8.65
CA LYS A 495 7.06 -23.61 8.76
C LYS A 495 5.81 -23.97 7.98
N VAL A 496 5.34 -23.10 7.09
CA VAL A 496 4.16 -23.34 6.26
C VAL A 496 4.58 -23.36 4.81
N VAL A 497 3.95 -24.22 4.02
CA VAL A 497 4.23 -24.30 2.58
C VAL A 497 3.54 -23.12 1.92
N VAL A 498 4.33 -22.24 1.30
CA VAL A 498 3.80 -21.08 0.58
C VAL A 498 3.98 -21.19 -0.92
N GLY A 499 4.77 -22.15 -1.40
CA GLY A 499 4.91 -22.36 -2.83
C GLY A 499 5.35 -23.78 -3.11
N ILE A 500 4.96 -24.29 -4.28
CA ILE A 500 5.30 -25.64 -4.69
C ILE A 500 5.74 -25.62 -6.15
N VAL A 501 6.77 -26.40 -6.45
CA VAL A 501 7.24 -26.63 -7.82
C VAL A 501 7.11 -28.12 -8.11
N LEU A 502 6.33 -28.46 -9.12
CA LEU A 502 6.13 -29.85 -9.54
C LEU A 502 7.05 -30.14 -10.71
N TRP A 503 8.03 -31.01 -10.51
CA TRP A 503 9.06 -31.31 -11.49
C TRP A 503 8.67 -32.58 -12.24
N ASN A 504 8.27 -32.43 -13.51
CA ASN A 504 7.82 -33.56 -14.33
C ASN A 504 6.68 -34.31 -13.65
N ILE A 505 5.82 -33.59 -12.94
CA ILE A 505 4.60 -34.14 -12.35
C ILE A 505 3.44 -33.31 -12.85
N PHE A 506 2.47 -33.95 -13.50
CA PHE A 506 1.38 -33.26 -14.15
C PHE A 506 0.03 -33.76 -13.63
N ASN A 507 -1.01 -32.95 -13.88
CA ASN A 507 -2.37 -33.28 -13.51
C ASN A 507 -2.53 -33.40 -11.99
N ARG A 508 -1.70 -32.66 -11.24
CA ARG A 508 -1.76 -32.68 -9.78
C ARG A 508 -1.76 -31.28 -9.19
N MET A 509 -1.95 -30.24 -10.01
CA MET A 509 -1.98 -28.89 -9.49
C MET A 509 -3.07 -28.67 -8.46
N PRO A 510 -4.29 -29.21 -8.63
CA PRO A 510 -5.32 -29.02 -7.58
C PRO A 510 -4.86 -29.47 -6.21
N ILE A 511 -4.00 -30.49 -6.13
CA ILE A 511 -3.50 -30.95 -4.84
C ILE A 511 -2.54 -29.92 -4.26
N ALA A 512 -1.62 -29.43 -5.08
CA ALA A 512 -0.69 -28.40 -4.62
C ALA A 512 -1.44 -27.13 -4.20
N ARG A 513 -2.51 -26.80 -4.92
CA ARG A 513 -3.30 -25.63 -4.56
C ARG A 513 -3.96 -25.81 -3.20
N LYS A 514 -4.41 -27.04 -2.90
CA LYS A 514 -5.05 -27.30 -1.62
C LYS A 514 -4.06 -27.21 -0.47
N ILE A 515 -2.84 -27.71 -0.67
CA ILE A 515 -1.84 -27.70 0.40
C ILE A 515 -1.53 -26.27 0.83
N ILE A 516 -1.35 -25.37 -0.14
CA ILE A 516 -1.02 -23.99 0.19
C ILE A 516 -2.22 -23.29 0.82
N LYS A 517 -3.43 -23.57 0.33
CA LYS A 517 -4.62 -22.94 0.88
C LYS A 517 -4.83 -23.34 2.34
N ASP A 518 -4.57 -24.62 2.66
CA ASP A 518 -4.82 -25.11 4.01
C ASP A 518 -3.85 -24.51 5.02
N GLY A 519 -2.64 -24.19 4.59
CA GLY A 519 -1.68 -23.55 5.49
C GLY A 519 -1.33 -24.38 6.70
N GLU A 520 -1.36 -25.71 6.56
CA GLU A 520 -1.03 -26.58 7.69
C GLU A 520 0.46 -26.57 7.96
N GLN A 521 0.81 -26.83 9.22
CA GLN A 521 2.19 -27.03 9.63
C GLN A 521 2.50 -28.52 9.51
N HIS A 522 3.25 -28.89 8.48
CA HIS A 522 3.54 -30.29 8.19
C HIS A 522 4.85 -30.69 8.88
N GLU A 523 4.78 -31.74 9.69
CA GLU A 523 5.98 -32.25 10.36
C GLU A 523 6.77 -33.20 9.49
N ASP A 524 6.14 -33.83 8.49
CA ASP A 524 6.82 -34.79 7.61
C ASP A 524 6.40 -34.50 6.18
N LEU A 525 7.27 -33.79 5.43
CA LEU A 525 6.96 -33.49 4.04
C LEU A 525 7.10 -34.70 3.12
N ASN A 526 7.75 -35.77 3.58
CA ASN A 526 7.80 -36.99 2.77
C ASN A 526 6.42 -37.59 2.59
N GLU A 527 5.56 -37.50 3.61
CA GLU A 527 4.19 -37.96 3.47
C GLU A 527 3.40 -37.07 2.52
N VAL A 528 3.65 -35.76 2.56
CA VAL A 528 2.98 -34.86 1.64
C VAL A 528 3.40 -35.15 0.21
N ALA A 529 4.65 -35.55 0.00
CA ALA A 529 5.10 -35.91 -1.34
C ALA A 529 4.38 -37.13 -1.87
N LYS A 530 3.85 -37.99 -0.99
CA LYS A 530 3.10 -39.14 -1.45
C LYS A 530 1.81 -38.73 -2.15
N LEU A 531 1.27 -37.55 -1.83
CA LEU A 531 0.10 -37.04 -2.52
C LEU A 531 0.38 -36.75 -3.99
N PHE A 532 1.65 -36.64 -4.37
CA PHE A 532 2.04 -36.44 -5.76
C PHE A 532 2.63 -37.70 -6.38
N ASN A 533 2.36 -38.85 -5.78
CA ASN A 533 2.82 -40.14 -6.30
C ASN A 533 4.35 -40.21 -6.32
N ILE A 534 4.98 -39.69 -5.27
CA ILE A 534 6.42 -39.76 -5.08
C ILE A 534 6.67 -40.65 -3.87
N HIS A 535 7.22 -41.83 -4.12
CA HIS A 535 7.51 -42.80 -3.05
C HIS A 535 8.96 -43.26 -3.11
N VAL A 540 15.70 -36.80 -0.35
CA VAL A 540 15.20 -35.61 0.32
C VAL A 540 16.32 -34.59 0.46
N LEU A 541 16.27 -33.54 -0.37
CA LEU A 541 17.29 -32.51 -0.43
C LEU A 541 16.79 -31.24 0.25
N PHE A 542 17.73 -30.52 0.89
CA PHE A 542 17.43 -29.30 1.61
C PHE A 542 18.31 -28.16 1.11
N GLN A 543 17.76 -26.95 1.15
CA GLN A 543 18.52 -25.75 0.80
C GLN A 543 17.86 -24.51 1.40
N PRO B 53 -28.84 -3.67 17.34
CA PRO B 53 -29.69 -4.37 16.37
C PRO B 53 -28.94 -5.49 15.65
N SER B 54 -29.67 -6.29 14.87
CA SER B 54 -29.06 -7.38 14.12
C SER B 54 -28.53 -6.94 12.76
N HIS B 55 -29.08 -5.87 12.20
CA HIS B 55 -28.61 -5.34 10.92
C HIS B 55 -28.75 -3.84 10.93
N VAL B 56 -27.75 -3.14 10.38
CA VAL B 56 -27.77 -1.68 10.28
C VAL B 56 -27.19 -1.26 8.93
N PRO B 57 -27.77 -0.25 8.28
CA PRO B 57 -27.15 0.19 7.01
C PRO B 57 -25.74 0.71 7.17
N PHE B 58 -25.50 1.61 8.13
CA PHE B 58 -24.20 2.23 8.34
C PHE B 58 -23.68 1.87 9.72
N LEU B 59 -22.54 1.17 9.77
CA LEU B 59 -21.90 0.77 11.00
C LEU B 59 -20.57 1.49 11.13
N LEU B 60 -20.40 2.25 12.21
CA LEU B 60 -19.16 2.96 12.50
C LEU B 60 -18.52 2.32 13.73
N ILE B 61 -17.32 1.78 13.55
CA ILE B 61 -16.61 1.09 14.61
C ILE B 61 -15.71 2.10 15.32
N GLY B 62 -16.01 2.37 16.59
CA GLY B 62 -15.29 3.38 17.34
C GLY B 62 -16.12 4.64 17.47
N GLY B 63 -16.15 5.23 18.66
CA GLY B 63 -17.01 6.37 18.91
C GLY B 63 -16.26 7.65 19.21
N GLY B 64 -15.29 8.00 18.37
CA GLY B 64 -14.50 9.20 18.58
C GLY B 64 -14.81 10.31 17.60
N THR B 65 -13.81 11.14 17.32
CA THR B 65 -14.01 12.31 16.47
C THR B 65 -14.34 11.90 15.03
N ALA B 66 -13.55 10.97 14.47
CA ALA B 66 -13.77 10.57 13.09
C ALA B 66 -15.13 9.91 12.90
N ALA B 67 -15.54 9.07 13.86
CA ALA B 67 -16.82 8.39 13.76
C ALA B 67 -17.97 9.39 13.79
N PHE B 68 -17.92 10.35 14.71
CA PHE B 68 -19.02 11.31 14.81
C PHE B 68 -19.11 12.17 13.56
N ALA B 69 -17.96 12.63 13.04
CA ALA B 69 -17.99 13.44 11.82
C ALA B 69 -18.57 12.64 10.65
N ALA B 70 -18.30 11.34 10.61
CA ALA B 70 -18.86 10.51 9.56
C ALA B 70 -20.37 10.36 9.71
N ALA B 71 -20.84 10.16 10.94
CA ALA B 71 -22.28 10.02 11.17
C ALA B 71 -23.02 11.28 10.74
N ARG B 72 -22.49 12.46 11.08
CA ARG B 72 -23.12 13.71 10.65
C ARG B 72 -23.08 13.84 9.14
N SER B 73 -21.97 13.42 8.53
CA SER B 73 -21.85 13.50 7.07
C SER B 73 -22.84 12.57 6.39
N ILE B 74 -22.98 11.35 6.90
CA ILE B 74 -23.94 10.41 6.32
C ILE B 74 -25.36 10.95 6.44
N ARG B 75 -25.71 11.48 7.62
CA ARG B 75 -27.06 11.99 7.83
C ARG B 75 -27.35 13.20 6.95
N ALA B 76 -26.33 13.99 6.62
CA ALA B 76 -26.54 15.18 5.80
C ALA B 76 -26.76 14.82 4.33
N ARG B 77 -26.14 13.74 3.86
CA ARG B 77 -26.32 13.32 2.48
C ARG B 77 -27.47 12.31 2.32
N ASP B 78 -27.83 11.60 3.39
CA ASP B 78 -28.92 10.63 3.38
C ASP B 78 -29.80 10.96 4.57
N PRO B 79 -30.71 11.94 4.43
CA PRO B 79 -31.50 12.41 5.59
C PRO B 79 -32.21 11.32 6.37
N GLY B 80 -32.49 10.18 5.75
CA GLY B 80 -33.16 9.09 6.42
C GLY B 80 -32.24 8.00 6.93
N ALA B 81 -30.93 8.18 6.79
CA ALA B 81 -29.98 7.11 7.13
C ALA B 81 -30.12 6.68 8.57
N ARG B 82 -29.79 5.41 8.81
CA ARG B 82 -29.76 4.81 10.14
C ARG B 82 -28.32 4.41 10.41
N VAL B 83 -27.68 5.10 11.36
CA VAL B 83 -26.25 4.96 11.63
C VAL B 83 -26.07 4.45 13.05
N LEU B 84 -25.29 3.38 13.20
CA LEU B 84 -24.98 2.81 14.50
C LEU B 84 -23.49 2.98 14.78
N ILE B 85 -23.16 3.66 15.86
CA ILE B 85 -21.79 3.77 16.35
C ILE B 85 -21.60 2.75 17.48
N VAL B 86 -20.54 1.96 17.39
CA VAL B 86 -20.17 1.01 18.44
C VAL B 86 -18.88 1.51 19.07
N SER B 87 -18.95 1.84 20.36
CA SER B 87 -17.83 2.43 21.09
C SER B 87 -17.54 1.61 22.33
N GLU B 88 -16.26 1.25 22.50
CA GLU B 88 -15.87 0.50 23.69
C GLU B 88 -15.88 1.36 24.95
N ASP B 89 -15.73 2.67 24.81
CA ASP B 89 -15.79 3.56 25.95
C ASP B 89 -17.23 3.69 26.44
N PRO B 90 -17.43 3.98 27.73
CA PRO B 90 -18.79 4.20 28.24
C PRO B 90 -19.35 5.57 27.89
N GLU B 91 -18.54 6.46 27.35
CA GLU B 91 -18.95 7.83 27.08
C GLU B 91 -19.47 7.97 25.65
N LEU B 92 -20.36 8.93 25.46
CA LEU B 92 -20.76 9.32 24.11
C LEU B 92 -19.61 10.04 23.43
N PRO B 93 -19.65 10.17 22.11
CA PRO B 93 -18.53 10.79 21.39
C PRO B 93 -18.18 12.16 21.94
N TYR B 94 -16.88 12.40 22.14
CA TYR B 94 -16.40 13.66 22.66
C TYR B 94 -15.04 13.99 22.05
N MET B 95 -14.68 15.26 22.12
CA MET B 95 -13.40 15.76 21.63
C MET B 95 -12.34 15.67 22.72
N ARG B 96 -11.10 15.40 22.30
CA ARG B 96 -9.99 15.14 23.21
C ARG B 96 -9.20 16.40 23.59
N PRO B 97 -9.01 17.36 22.69
CA PRO B 97 -8.07 18.47 22.96
C PRO B 97 -8.29 19.12 24.32
N PRO B 98 -9.54 19.35 24.74
CA PRO B 98 -9.74 19.98 26.06
C PRO B 98 -9.19 19.16 27.22
N LEU B 99 -9.00 17.85 27.05
CA LEU B 99 -8.52 17.02 28.14
C LEU B 99 -7.12 17.37 28.59
N SER B 100 -6.32 18.03 27.75
CA SER B 100 -4.98 18.45 28.09
C SER B 100 -4.85 19.97 28.15
N LYS B 101 -5.94 20.70 28.01
CA LYS B 101 -5.88 22.17 27.96
C LYS B 101 -7.01 22.81 28.75
N GLU B 102 -8.10 23.19 28.08
CA GLU B 102 -9.08 24.08 28.70
C GLU B 102 -9.66 23.51 29.98
N LEU B 103 -9.81 22.19 30.07
CA LEU B 103 -10.43 21.61 31.27
C LEU B 103 -9.56 21.77 32.51
N TRP B 104 -8.27 22.06 32.35
CA TRP B 104 -7.39 22.30 33.49
C TRP B 104 -7.35 23.75 33.93
N PHE B 105 -7.82 24.67 33.08
CA PHE B 105 -7.74 26.10 33.37
C PHE B 105 -9.10 26.71 33.72
N SER B 106 -10.10 25.88 34.04
CA SER B 106 -11.43 26.36 34.34
C SER B 106 -11.52 26.84 35.78
N ASP B 107 -12.26 27.94 35.99
CA ASP B 107 -12.49 28.46 37.33
C ASP B 107 -13.51 27.65 38.12
N ASP B 108 -14.28 26.79 37.46
CA ASP B 108 -15.28 25.98 38.14
C ASP B 108 -14.63 24.75 38.76
N PRO B 109 -14.73 24.53 40.08
CA PRO B 109 -14.13 23.33 40.67
C PRO B 109 -14.93 22.05 40.43
N ASN B 110 -16.12 22.14 39.85
CA ASN B 110 -16.88 20.96 39.45
C ASN B 110 -16.65 20.58 37.99
N VAL B 111 -15.61 21.10 37.36
CA VAL B 111 -15.37 20.85 35.94
C VAL B 111 -15.17 19.36 35.69
N THR B 112 -14.63 18.63 36.67
CA THR B 112 -14.43 17.20 36.50
C THR B 112 -15.75 16.47 36.32
N LYS B 113 -16.83 17.01 36.88
CA LYS B 113 -18.16 16.41 36.74
C LYS B 113 -18.91 16.92 35.52
N THR B 114 -18.89 18.24 35.29
CA THR B 114 -19.63 18.81 34.17
C THR B 114 -18.93 18.62 32.85
N LEU B 115 -17.59 18.65 32.83
CA LEU B 115 -16.81 18.52 31.61
C LEU B 115 -17.14 19.63 30.61
N ARG B 116 -17.40 20.83 31.14
CA ARG B 116 -17.58 22.02 30.33
C ARG B 116 -16.40 22.96 30.55
N PHE B 117 -16.11 23.78 29.54
CA PHE B 117 -14.92 24.63 29.58
C PHE B 117 -15.18 25.88 28.76
N LYS B 118 -14.36 26.90 29.02
CA LYS B 118 -14.43 28.18 28.33
C LYS B 118 -13.38 28.22 27.23
N GLN B 119 -13.82 28.50 26.00
CA GLN B 119 -12.92 28.58 24.86
C GLN B 119 -12.12 29.87 24.90
N LYS B 123 -16.36 31.85 25.85
CA LYS B 123 -17.47 31.04 25.37
C LYS B 123 -17.43 29.65 25.98
N GLU B 124 -18.48 29.29 26.71
CA GLU B 124 -18.55 28.00 27.37
C GLU B 124 -19.19 26.96 26.46
N ARG B 125 -18.71 25.72 26.54
CA ARG B 125 -19.27 24.63 25.77
C ARG B 125 -18.89 23.31 26.42
N SER B 126 -19.55 22.24 25.97
CA SER B 126 -19.34 20.90 26.50
C SER B 126 -18.29 20.16 25.67
N ILE B 127 -17.65 19.18 26.30
CA ILE B 127 -16.66 18.37 25.61
C ILE B 127 -17.32 17.41 24.64
N TYR B 128 -18.59 17.07 24.86
CA TYR B 128 -19.30 16.16 23.97
C TYR B 128 -19.70 16.88 22.68
N PHE B 129 -19.67 16.13 21.57
CA PHE B 129 -20.05 16.71 20.29
C PHE B 129 -21.53 17.07 20.28
N GLN B 130 -22.36 16.27 20.92
CA GLN B 130 -23.80 16.51 20.98
C GLN B 130 -24.32 16.04 22.32
N PRO B 131 -25.41 16.61 22.82
CA PRO B 131 -26.02 16.11 24.05
C PRO B 131 -26.70 14.78 23.81
N PRO B 132 -26.95 14.00 24.85
CA PRO B 132 -27.58 12.68 24.64
C PRO B 132 -28.89 12.74 23.87
N SER B 133 -29.65 13.83 23.98
CA SER B 133 -30.94 13.90 23.32
C SER B 133 -30.81 13.81 21.81
N PHE B 134 -29.65 14.20 21.26
CA PHE B 134 -29.46 14.15 19.81
C PHE B 134 -29.45 12.73 19.26
N TYR B 135 -29.17 11.73 20.10
CA TYR B 135 -29.03 10.36 19.66
C TYR B 135 -30.32 9.59 19.92
N VAL B 136 -30.51 8.53 19.14
CA VAL B 136 -31.59 7.59 19.35
C VAL B 136 -31.00 6.30 19.92
N SER B 137 -31.86 5.51 20.56
CA SER B 137 -31.42 4.26 21.15
C SER B 137 -31.19 3.21 20.06
N ALA B 138 -30.32 2.25 20.37
CA ALA B 138 -30.03 1.19 19.40
C ALA B 138 -31.27 0.34 19.15
N GLN B 139 -32.05 0.06 20.20
CA GLN B 139 -33.25 -0.75 20.04
C GLN B 139 -34.23 -0.08 19.08
N ASP B 140 -34.31 1.25 19.12
CA ASP B 140 -35.25 2.00 18.30
C ASP B 140 -34.69 2.39 16.94
N LEU B 141 -33.39 2.20 16.71
CA LEU B 141 -32.79 2.64 15.45
C LEU B 141 -33.48 2.02 14.23
N PRO B 142 -33.88 0.75 14.24
CA PRO B 142 -34.56 0.23 13.05
C PRO B 142 -35.96 0.77 12.86
N HIS B 143 -36.65 1.15 13.94
CA HIS B 143 -38.06 1.52 13.86
C HIS B 143 -38.30 3.02 13.76
N ILE B 144 -37.36 3.85 14.21
CA ILE B 144 -37.60 5.28 14.25
C ILE B 144 -37.80 5.82 12.84
N GLU B 145 -38.80 6.69 12.70
CA GLU B 145 -39.08 7.31 11.41
C GLU B 145 -37.97 8.30 11.05
N ASN B 146 -37.55 8.27 9.78
CA ASN B 146 -36.48 9.12 9.29
C ASN B 146 -35.14 8.81 9.96
N GLY B 147 -35.02 7.63 10.57
CA GLY B 147 -33.76 7.14 11.07
C GLY B 147 -33.16 8.03 12.15
N GLY B 148 -31.84 7.95 12.27
CA GLY B 148 -31.13 8.69 13.28
C GLY B 148 -29.74 8.10 13.49
N VAL B 149 -29.11 8.54 14.57
CA VAL B 149 -27.77 8.07 14.95
C VAL B 149 -27.85 7.51 16.36
N ALA B 150 -27.45 6.25 16.52
CA ALA B 150 -27.41 5.59 17.81
C ALA B 150 -25.98 5.22 18.15
N VAL B 151 -25.67 5.23 19.44
CA VAL B 151 -24.34 4.88 19.95
C VAL B 151 -24.49 3.74 20.94
N LEU B 152 -23.88 2.60 20.62
CA LEU B 152 -23.85 1.44 21.51
C LEU B 152 -22.59 1.53 22.34
N THR B 153 -22.70 2.07 23.56
CA THR B 153 -21.56 2.31 24.41
C THR B 153 -21.21 1.06 25.22
N GLY B 154 -19.96 1.02 25.68
CA GLY B 154 -19.49 -0.11 26.47
C GLY B 154 -19.45 -1.43 25.72
N LYS B 155 -19.25 -1.39 24.40
CA LYS B 155 -19.19 -2.59 23.58
C LYS B 155 -18.03 -2.47 22.62
N LYS B 156 -17.26 -3.55 22.47
CA LYS B 156 -16.07 -3.56 21.64
C LYS B 156 -16.26 -4.54 20.49
N VAL B 157 -15.97 -4.10 19.28
CA VAL B 157 -15.90 -4.99 18.12
C VAL B 157 -14.60 -5.77 18.21
N VAL B 158 -14.71 -7.10 18.30
CA VAL B 158 -13.54 -7.96 18.47
C VAL B 158 -13.28 -8.84 17.27
N GLN B 159 -14.20 -8.92 16.31
CA GLN B 159 -14.00 -9.75 15.14
C GLN B 159 -14.72 -9.13 13.95
N LEU B 160 -14.06 -9.13 12.80
CA LEU B 160 -14.60 -8.55 11.58
C LEU B 160 -14.56 -9.61 10.49
N ASP B 161 -15.72 -9.95 9.94
CA ASP B 161 -15.86 -10.91 8.85
C ASP B 161 -16.25 -10.13 7.61
N VAL B 162 -15.28 -9.90 6.73
CA VAL B 162 -15.52 -9.06 5.55
C VAL B 162 -16.39 -9.79 4.55
N ARG B 163 -16.23 -11.11 4.42
CA ARG B 163 -16.99 -11.86 3.42
C ARG B 163 -18.48 -11.81 3.71
N ASP B 164 -18.87 -11.80 4.99
CA ASP B 164 -20.27 -11.82 5.38
C ASP B 164 -20.76 -10.47 5.87
N ASN B 165 -19.94 -9.42 5.78
CA ASN B 165 -20.31 -8.08 6.22
C ASN B 165 -20.86 -8.11 7.64
N MET B 166 -20.08 -8.71 8.54
CA MET B 166 -20.53 -8.96 9.90
C MET B 166 -19.42 -8.62 10.88
N VAL B 167 -19.84 -8.16 12.06
CA VAL B 167 -18.93 -7.95 13.18
C VAL B 167 -19.45 -8.74 14.38
N LYS B 168 -18.55 -9.11 15.26
CA LYS B 168 -18.88 -9.79 16.51
C LYS B 168 -18.39 -8.93 17.66
N LEU B 169 -19.26 -8.69 18.64
CA LEU B 169 -18.93 -7.86 19.79
C LEU B 169 -18.39 -8.72 20.93
N ASN B 170 -17.85 -8.04 21.95
CA ASN B 170 -17.28 -8.74 23.08
C ASN B 170 -18.31 -9.56 23.85
N ASP B 171 -19.59 -9.24 23.72
CA ASP B 171 -20.66 -9.98 24.39
C ASP B 171 -21.24 -11.10 23.53
N GLY B 172 -20.60 -11.42 22.40
CA GLY B 172 -21.06 -12.50 21.54
C GLY B 172 -22.08 -12.11 20.50
N SER B 173 -22.67 -10.91 20.60
CA SER B 173 -23.66 -10.47 19.63
C SER B 173 -23.02 -10.27 18.26
N GLN B 174 -23.81 -10.50 17.22
CA GLN B 174 -23.38 -10.34 15.83
C GLN B 174 -24.24 -9.29 15.15
N ILE B 175 -23.60 -8.43 14.35
CA ILE B 175 -24.29 -7.36 13.63
C ILE B 175 -23.80 -7.35 12.20
N THR B 176 -24.74 -7.42 11.25
CA THR B 176 -24.43 -7.27 9.83
C THR B 176 -24.62 -5.82 9.42
N TYR B 177 -23.90 -5.43 8.36
CA TYR B 177 -23.92 -4.06 7.89
C TYR B 177 -23.92 -4.04 6.37
N GLU B 178 -24.24 -2.87 5.82
CA GLU B 178 -24.10 -2.59 4.40
C GLU B 178 -22.87 -1.75 4.10
N LYS B 179 -22.60 -0.72 4.91
CA LYS B 179 -21.40 0.09 4.81
C LYS B 179 -20.77 0.19 6.19
N CYS B 180 -19.45 0.07 6.25
CA CYS B 180 -18.74 0.06 7.52
C CYS B 180 -17.58 1.05 7.49
N LEU B 181 -17.40 1.74 8.61
CA LEU B 181 -16.27 2.63 8.83
C LEU B 181 -15.50 2.16 10.04
N ILE B 182 -14.19 2.00 9.88
CA ILE B 182 -13.29 1.70 11.00
C ILE B 182 -12.67 3.02 11.44
N ALA B 183 -12.97 3.43 12.67
CA ALA B 183 -12.45 4.67 13.24
C ALA B 183 -12.02 4.38 14.68
N THR B 184 -11.09 3.43 14.82
CA THR B 184 -10.69 2.92 16.13
C THR B 184 -9.58 3.73 16.77
N GLY B 185 -9.03 4.73 16.08
CA GLY B 185 -8.00 5.56 16.69
C GLY B 185 -6.78 4.76 17.07
N GLY B 186 -6.25 5.04 18.26
CA GLY B 186 -5.04 4.39 18.72
C GLY B 186 -4.97 4.33 20.23
N THR B 187 -3.95 3.62 20.72
CA THR B 187 -3.72 3.44 22.15
C THR B 187 -2.38 4.04 22.53
N PRO B 188 -2.29 4.73 23.67
CA PRO B 188 -1.01 5.34 24.06
C PRO B 188 0.10 4.30 24.18
N ARG B 189 1.29 4.68 23.71
CA ARG B 189 2.46 3.85 23.91
C ARG B 189 2.90 3.90 25.38
N SER B 190 3.69 2.90 25.76
CA SER B 190 4.30 2.85 27.08
C SER B 190 5.79 2.58 26.93
N LEU B 191 6.56 3.03 27.91
CA LEU B 191 8.00 2.84 27.88
C LEU B 191 8.35 1.39 28.20
N SER B 192 9.38 0.88 27.53
CA SER B 192 9.91 -0.44 27.88
C SER B 192 10.39 -0.48 29.32
N ALA B 193 10.92 0.64 29.82
CA ALA B 193 11.38 0.69 31.20
C ALA B 193 10.23 0.56 32.18
N ILE B 194 9.04 1.05 31.82
CA ILE B 194 7.88 0.92 32.70
C ILE B 194 7.30 -0.48 32.64
N ASP B 195 7.27 -1.08 31.44
CA ASP B 195 6.66 -2.40 31.29
C ASP B 195 7.36 -3.45 32.14
N ARG B 196 8.69 -3.38 32.22
CA ARG B 196 9.48 -4.33 33.00
C ARG B 196 9.74 -3.86 34.42
N ALA B 197 9.03 -2.83 34.89
CA ALA B 197 9.30 -2.23 36.19
C ALA B 197 8.48 -2.85 37.31
N GLY B 198 7.45 -3.63 37.00
CA GLY B 198 6.62 -4.27 38.01
C GLY B 198 5.29 -3.58 38.17
N ALA B 199 4.46 -4.18 39.03
CA ALA B 199 3.09 -3.72 39.21
C ALA B 199 3.05 -2.37 39.92
N GLU B 200 3.89 -2.19 40.95
CA GLU B 200 3.86 -0.95 41.71
C GLU B 200 4.11 0.25 40.80
N VAL B 201 5.14 0.17 39.97
CA VAL B 201 5.43 1.27 39.04
C VAL B 201 4.28 1.44 38.05
N LYS B 202 3.77 0.34 37.51
CA LYS B 202 2.71 0.42 36.51
C LYS B 202 1.46 1.07 37.09
N SER B 203 1.09 0.71 38.32
CA SER B 203 -0.10 1.29 38.94
C SER B 203 0.06 2.78 39.21
N ARG B 204 1.30 3.26 39.32
CA ARG B 204 1.59 4.68 39.54
C ARG B 204 2.04 5.37 38.27
N THR B 205 1.67 4.84 37.10
CA THR B 205 1.99 5.42 35.81
C THR B 205 0.68 5.65 35.05
N THR B 206 0.52 6.83 34.48
CA THR B 206 -0.70 7.23 33.81
C THR B 206 -0.48 7.28 32.30
N LEU B 207 -1.38 6.65 31.56
CA LEU B 207 -1.47 6.81 30.12
C LEU B 207 -2.68 7.71 29.84
N PHE B 208 -2.43 8.86 29.24
CA PHE B 208 -3.42 9.93 29.13
C PHE B 208 -4.05 9.93 27.75
N ARG B 209 -5.38 9.76 27.70
CA ARG B 209 -6.10 9.80 26.43
C ARG B 209 -7.58 10.12 26.62
N LYS B 210 -8.20 9.50 27.62
CA LYS B 210 -9.66 9.51 27.76
C LYS B 210 -10.09 10.36 28.96
N ILE B 211 -11.41 10.53 29.07
CA ILE B 211 -11.98 11.30 30.17
C ILE B 211 -11.56 10.72 31.51
N GLY B 212 -11.55 9.40 31.62
CA GLY B 212 -11.15 8.77 32.88
C GLY B 212 -9.73 9.15 33.29
N ASP B 213 -8.83 9.26 32.31
CA ASP B 213 -7.46 9.64 32.62
C ASP B 213 -7.38 11.08 33.13
N PHE B 214 -8.16 11.98 32.54
CA PHE B 214 -8.21 13.35 33.04
C PHE B 214 -8.66 13.38 34.50
N ARG B 215 -9.73 12.66 34.81
CA ARG B 215 -10.26 12.68 36.17
C ARG B 215 -9.27 12.04 37.15
N SER B 216 -8.61 10.95 36.76
CA SER B 216 -7.71 10.28 37.68
C SER B 216 -6.45 11.10 37.92
N LEU B 217 -5.93 11.77 36.89
CA LEU B 217 -4.72 12.56 37.07
C LEU B 217 -5.01 13.85 37.81
N GLU B 218 -6.17 14.46 37.55
CA GLU B 218 -6.55 15.66 38.29
C GLU B 218 -6.65 15.37 39.78
N LYS B 219 -7.18 14.19 40.14
CA LYS B 219 -7.22 13.81 41.55
C LYS B 219 -5.82 13.56 42.09
N ILE B 220 -4.93 13.00 41.26
CA ILE B 220 -3.56 12.75 41.70
C ILE B 220 -2.84 14.06 42.00
N SER B 221 -3.03 15.08 41.16
CA SER B 221 -2.35 16.35 41.37
C SER B 221 -2.77 17.03 42.67
N ARG B 222 -3.88 16.60 43.27
CA ARG B 222 -4.33 17.13 44.54
C ARG B 222 -3.96 16.25 45.72
N GLU B 223 -3.32 15.11 45.49
CA GLU B 223 -2.99 14.16 46.54
C GLU B 223 -1.50 13.92 46.71
N VAL B 224 -0.70 14.04 45.65
CA VAL B 224 0.74 13.83 45.73
C VAL B 224 1.44 15.17 45.59
N LYS B 225 2.73 15.19 45.91
CA LYS B 225 3.51 16.42 45.88
C LYS B 225 4.40 16.53 44.65
N SER B 226 4.66 15.43 43.95
CA SER B 226 5.59 15.44 42.82
C SER B 226 5.04 14.55 41.71
N ILE B 227 4.90 15.12 40.52
CA ILE B 227 4.49 14.39 39.33
C ILE B 227 5.55 14.59 38.26
N THR B 228 5.94 13.50 37.59
CA THR B 228 6.95 13.54 36.55
C THR B 228 6.33 13.15 35.22
N ILE B 229 6.54 13.98 34.20
CA ILE B 229 6.07 13.72 32.85
C ILE B 229 7.24 13.23 32.02
N ILE B 230 7.06 12.09 31.37
CA ILE B 230 8.07 11.50 30.50
C ILE B 230 7.60 11.68 29.07
N GLY B 231 8.24 12.58 28.34
CA GLY B 231 7.83 12.91 26.98
C GLY B 231 7.87 14.41 26.73
N GLY B 232 8.47 14.81 25.61
CA GLY B 232 8.59 16.22 25.27
C GLY B 232 7.71 16.70 24.14
N GLY B 233 6.76 15.88 23.67
CA GLY B 233 5.89 16.27 22.57
C GLY B 233 4.70 17.09 23.03
N PHE B 234 3.65 17.07 22.20
CA PHE B 234 2.46 17.87 22.49
C PHE B 234 1.88 17.51 23.85
N LEU B 235 1.58 16.23 24.06
CA LEU B 235 0.90 15.81 25.28
C LEU B 235 1.73 16.14 26.51
N GLY B 236 3.01 15.78 26.51
CA GLY B 236 3.85 16.05 27.66
C GLY B 236 3.96 17.53 27.98
N SER B 237 4.12 18.36 26.95
CA SER B 237 4.32 19.79 27.18
C SER B 237 3.02 20.46 27.61
N GLU B 238 1.89 20.05 27.03
CA GLU B 238 0.61 20.65 27.43
C GLU B 238 0.24 20.24 28.84
N LEU B 239 0.44 18.97 29.19
CA LEU B 239 0.17 18.53 30.56
C LEU B 239 1.10 19.21 31.55
N ALA B 240 2.35 19.48 31.14
CA ALA B 240 3.28 20.15 32.04
C ALA B 240 2.78 21.54 32.41
N CYS B 241 2.31 22.30 31.41
CA CYS B 241 1.76 23.61 31.70
C CYS B 241 0.49 23.52 32.54
N ALA B 242 -0.35 22.52 32.27
CA ALA B 242 -1.57 22.35 33.04
C ALA B 242 -1.28 21.94 34.47
N LEU B 243 -0.48 20.89 34.66
CA LEU B 243 -0.08 20.49 36.00
C LEU B 243 0.76 21.55 36.67
N GLY B 244 1.48 22.36 35.88
CA GLY B 244 2.25 23.45 36.46
C GLY B 244 1.36 24.51 37.09
N ARG B 245 0.24 24.83 36.44
CA ARG B 245 -0.69 25.79 37.03
C ARG B 245 -1.29 25.25 38.33
N LYS B 246 -1.68 23.97 38.35
CA LYS B 246 -2.22 23.39 39.57
C LYS B 246 -1.18 23.36 40.68
N ALA B 247 0.09 23.18 40.32
CA ALA B 247 1.14 23.06 41.34
C ALA B 247 1.46 24.40 41.98
N ARG B 248 1.33 25.50 41.23
CA ARG B 248 1.63 26.81 41.79
C ARG B 248 0.72 27.14 42.97
N ALA B 249 -0.55 26.74 42.90
CA ALA B 249 -1.48 27.04 43.98
C ALA B 249 -1.24 26.16 45.19
N LEU B 250 -0.83 24.92 44.99
CA LEU B 250 -0.60 23.99 46.08
C LEU B 250 0.85 23.94 46.54
N GLY B 251 1.76 24.58 45.83
CA GLY B 251 3.17 24.53 46.21
C GLY B 251 3.82 23.20 45.92
N THR B 252 3.33 22.47 44.93
CA THR B 252 3.82 21.14 44.62
C THR B 252 4.77 21.19 43.43
N GLU B 253 5.27 20.03 43.02
CA GLU B 253 6.33 19.91 42.04
C GLU B 253 5.85 19.18 40.80
N VAL B 254 6.29 19.66 39.64
CA VAL B 254 6.05 19.01 38.36
C VAL B 254 7.37 18.95 37.61
N ILE B 255 7.73 17.76 37.12
CA ILE B 255 8.96 17.53 36.39
C ILE B 255 8.60 16.99 35.00
N GLN B 256 9.34 17.44 33.99
CA GLN B 256 9.20 16.94 32.63
C GLN B 256 10.58 16.60 32.10
N LEU B 257 10.76 15.34 31.69
CA LEU B 257 12.03 14.89 31.14
C LEU B 257 11.79 14.21 29.79
N PHE B 258 12.76 14.36 28.89
CA PHE B 258 12.66 13.82 27.55
C PHE B 258 14.05 13.78 26.93
N PRO B 259 14.26 12.95 25.91
CA PRO B 259 15.61 12.79 25.37
C PRO B 259 16.07 13.95 24.49
N GLU B 260 15.16 14.73 23.93
CA GLU B 260 15.55 15.81 23.04
C GLU B 260 16.20 16.95 23.83
N LYS B 261 16.72 17.94 23.10
CA LYS B 261 17.33 19.10 23.73
C LYS B 261 16.32 20.10 24.25
N GLY B 262 15.06 20.00 23.83
CA GLY B 262 14.05 20.93 24.27
C GLY B 262 12.66 20.43 23.91
N ASN B 263 11.67 21.09 24.48
CA ASN B 263 10.28 20.73 24.21
C ASN B 263 9.98 20.85 22.73
N MET B 264 9.22 19.88 22.20
CA MET B 264 8.83 19.88 20.79
C MET B 264 10.05 19.81 19.87
N GLY B 265 11.12 19.17 20.35
CA GLY B 265 12.37 19.18 19.61
C GLY B 265 12.27 18.53 18.24
N LYS B 266 11.34 17.59 18.07
CA LYS B 266 11.16 16.94 16.79
C LYS B 266 10.38 17.80 15.80
N ILE B 267 9.63 18.79 16.30
CA ILE B 267 8.72 19.58 15.48
C ILE B 267 9.28 20.96 15.20
N LEU B 268 9.80 21.65 16.24
CA LEU B 268 10.25 23.02 16.09
C LEU B 268 11.76 23.09 16.00
N PRO B 269 12.32 24.10 15.33
CA PRO B 269 13.77 24.26 15.31
C PRO B 269 14.32 24.49 16.71
N GLU B 270 15.63 24.27 16.85
CA GLU B 270 16.25 24.26 18.17
C GLU B 270 16.03 25.59 18.88
N TYR B 271 16.20 26.71 18.17
CA TYR B 271 16.07 28.01 18.83
C TYR B 271 14.66 28.22 19.37
N LEU B 272 13.65 27.75 18.64
CA LEU B 272 12.27 27.90 19.09
C LEU B 272 11.89 26.83 20.11
N SER B 273 12.43 25.62 19.98
CA SER B 273 12.21 24.59 20.99
C SER B 273 12.79 25.02 22.33
N ASN B 274 13.99 25.62 22.31
CA ASN B 274 14.60 26.09 23.55
C ASN B 274 13.77 27.21 24.18
N TRP B 275 13.32 28.15 23.35
CA TRP B 275 12.43 29.20 23.84
C TRP B 275 11.19 28.61 24.48
N THR B 276 10.64 27.54 23.87
CA THR B 276 9.46 26.90 24.43
C THR B 276 9.78 26.26 25.78
N MET B 277 10.96 25.65 25.91
CA MET B 277 11.33 25.03 27.18
C MET B 277 11.36 26.05 28.31
N GLU B 278 11.85 27.25 28.03
CA GLU B 278 11.89 28.29 29.06
C GLU B 278 10.48 28.71 29.46
N LYS B 279 9.55 28.78 28.49
CA LYS B 279 8.19 29.14 28.82
C LYS B 279 7.51 28.07 29.68
N VAL B 280 7.77 26.80 29.39
CA VAL B 280 7.27 25.74 30.26
C VAL B 280 7.88 25.87 31.65
N ARG B 281 9.18 26.19 31.72
CA ARG B 281 9.82 26.40 33.00
C ARG B 281 9.20 27.56 33.75
N ARG B 282 8.78 28.61 33.03
CA ARG B 282 8.15 29.75 33.69
C ARG B 282 6.75 29.44 34.19
N GLU B 283 6.19 28.29 33.85
CA GLU B 283 4.94 27.82 34.42
C GLU B 283 5.15 27.05 35.72
N GLY B 284 6.38 26.94 36.20
CA GLY B 284 6.65 26.21 37.41
C GLY B 284 7.02 24.75 37.20
N VAL B 285 7.67 24.43 36.09
CA VAL B 285 8.02 23.05 35.76
C VAL B 285 9.53 22.91 35.73
N LYS B 286 10.02 21.81 36.29
CA LYS B 286 11.44 21.45 36.22
C LYS B 286 11.62 20.58 34.97
N VAL B 287 12.17 21.17 33.92
CA VAL B 287 12.35 20.50 32.64
C VAL B 287 13.76 19.93 32.56
N MET B 288 13.86 18.63 32.27
CA MET B 288 15.15 17.93 32.18
C MET B 288 15.33 17.39 30.77
N PRO B 289 15.94 18.16 29.87
CA PRO B 289 16.21 17.65 28.52
C PRO B 289 17.40 16.69 28.52
N ASN B 290 17.60 16.05 27.36
CA ASN B 290 18.70 15.11 27.17
C ASN B 290 18.60 13.94 28.14
N ALA B 291 17.38 13.55 28.50
CA ALA B 291 17.14 12.52 29.51
C ALA B 291 16.60 11.27 28.84
N ILE B 292 17.35 10.17 28.95
CA ILE B 292 16.94 8.86 28.46
C ILE B 292 16.75 7.96 29.68
N VAL B 293 15.55 7.41 29.80
CA VAL B 293 15.21 6.57 30.96
C VAL B 293 15.85 5.19 30.78
N GLN B 294 16.67 4.80 31.75
CA GLN B 294 17.29 3.48 31.76
C GLN B 294 16.48 2.48 32.58
N SER B 295 15.89 2.91 33.69
CA SER B 295 15.11 2.03 34.53
C SER B 295 14.25 2.86 35.47
N VAL B 296 13.24 2.20 36.06
CA VAL B 296 12.35 2.81 37.03
C VAL B 296 12.04 1.77 38.09
N GLY B 297 12.10 2.19 39.36
CA GLY B 297 11.82 1.30 40.47
C GLY B 297 11.22 2.05 41.62
N VAL B 298 10.86 1.32 42.67
CA VAL B 298 10.29 1.88 43.88
C VAL B 298 11.35 1.84 44.96
N SER B 299 11.57 2.97 45.62
CA SER B 299 12.59 3.08 46.66
C SER B 299 12.00 3.86 47.82
N SER B 300 11.86 3.19 48.97
CA SER B 300 11.31 3.83 50.16
C SER B 300 9.94 4.44 49.89
N GLY B 301 9.11 3.72 49.13
CA GLY B 301 7.78 4.17 48.81
C GLY B 301 7.67 5.14 47.66
N LYS B 302 8.77 5.72 47.20
CA LYS B 302 8.75 6.67 46.11
C LYS B 302 9.26 6.02 44.83
N LEU B 303 8.92 6.65 43.70
CA LEU B 303 9.41 6.22 42.40
C LEU B 303 10.77 6.85 42.14
N LEU B 304 11.73 6.03 41.72
CA LEU B 304 13.07 6.47 41.40
C LEU B 304 13.34 6.18 39.93
N ILE B 305 13.58 7.22 39.15
CA ILE B 305 13.83 7.11 37.72
C ILE B 305 15.33 7.24 37.51
N LYS B 306 15.96 6.19 37.00
CA LYS B 306 17.38 6.19 36.68
C LYS B 306 17.56 6.49 35.20
N LEU B 307 18.35 7.52 34.91
CA LEU B 307 18.63 7.92 33.53
C LEU B 307 19.97 7.35 33.07
N LYS B 308 20.11 7.19 31.76
CA LYS B 308 21.33 6.60 31.20
C LYS B 308 22.55 7.44 31.52
N ASP B 309 22.40 8.75 31.68
CA ASP B 309 23.53 9.63 31.93
C ASP B 309 23.94 9.67 33.40
N GLY B 310 23.32 8.86 34.25
CA GLY B 310 23.69 8.76 35.65
C GLY B 310 22.77 9.49 36.61
N ARG B 311 21.97 10.43 36.11
CA ARG B 311 21.08 11.18 36.99
C ARG B 311 19.94 10.29 37.49
N LYS B 312 19.37 10.69 38.63
CA LYS B 312 18.25 9.99 39.24
C LYS B 312 17.20 11.01 39.65
N VAL B 313 15.93 10.64 39.47
CA VAL B 313 14.80 11.53 39.76
C VAL B 313 13.86 10.81 40.70
N GLU B 314 13.57 11.42 41.84
CA GLU B 314 12.60 10.91 42.79
C GLU B 314 11.27 11.65 42.59
N THR B 315 10.17 10.89 42.53
CA THR B 315 8.87 11.47 42.29
C THR B 315 7.81 10.53 42.84
N ASP B 316 6.57 11.02 42.88
CA ASP B 316 5.44 10.24 43.40
C ASP B 316 4.60 9.59 42.32
N HIS B 317 4.56 10.17 41.12
CA HIS B 317 3.71 9.66 40.06
C HIS B 317 4.33 9.99 38.71
N ILE B 318 4.11 9.11 37.74
CA ILE B 318 4.65 9.26 36.39
C ILE B 318 3.51 9.37 35.40
N VAL B 319 3.66 10.28 34.44
CA VAL B 319 2.75 10.41 33.31
C VAL B 319 3.55 10.09 32.06
N ALA B 320 3.17 9.02 31.36
CA ALA B 320 3.87 8.60 30.15
C ALA B 320 3.18 9.20 28.94
N ALA B 321 3.91 10.07 28.23
CA ALA B 321 3.40 10.73 27.03
C ALA B 321 4.40 10.51 25.89
N VAL B 322 4.45 9.28 25.39
CA VAL B 322 5.46 8.88 24.41
C VAL B 322 4.83 8.29 23.16
N GLY B 323 3.77 8.91 22.66
CA GLY B 323 3.23 8.56 21.35
C GLY B 323 2.04 7.62 21.41
N LEU B 324 1.62 7.20 20.22
CA LEU B 324 0.36 6.49 20.03
C LEU B 324 0.57 5.30 19.11
N GLU B 325 -0.16 4.21 19.40
CA GLU B 325 -0.15 3.02 18.56
C GLU B 325 -1.52 2.86 17.90
N PRO B 326 -1.61 2.80 16.57
CA PRO B 326 -2.92 2.61 15.94
C PRO B 326 -3.56 1.29 16.37
N ASN B 327 -4.87 1.33 16.60
CA ASN B 327 -5.63 0.14 16.98
C ASN B 327 -5.98 -0.63 15.71
N VAL B 328 -5.18 -1.64 15.39
CA VAL B 328 -5.37 -2.43 14.17
C VAL B 328 -5.66 -3.89 14.51
N GLU B 329 -6.14 -4.16 15.72
CA GLU B 329 -6.45 -5.54 16.11
C GLU B 329 -7.40 -6.20 15.11
N LEU B 330 -8.35 -5.44 14.57
CA LEU B 330 -9.36 -6.01 13.69
C LEU B 330 -8.82 -6.41 12.32
N ALA B 331 -7.60 -5.98 11.96
CA ALA B 331 -7.05 -6.34 10.66
C ALA B 331 -6.77 -7.83 10.56
N LYS B 332 -6.48 -8.50 11.68
CA LYS B 332 -6.17 -9.92 11.64
C LYS B 332 -7.36 -10.72 11.16
N THR B 333 -8.47 -10.68 11.91
CA THR B 333 -9.65 -11.46 11.54
C THR B 333 -10.24 -10.95 10.23
N GLY B 334 -10.19 -9.64 9.99
CA GLY B 334 -10.76 -9.08 8.79
C GLY B 334 -9.94 -9.28 7.53
N GLY B 335 -8.72 -9.78 7.66
CA GLY B 335 -7.85 -9.90 6.49
C GLY B 335 -7.58 -8.56 5.83
N LEU B 336 -7.41 -7.51 6.62
CA LEU B 336 -7.16 -6.17 6.10
C LEU B 336 -5.66 -5.89 6.15
N GLU B 337 -5.19 -5.14 5.15
CA GLU B 337 -3.78 -4.84 5.04
C GLU B 337 -3.38 -3.74 6.01
N ILE B 338 -2.23 -3.91 6.65
CA ILE B 338 -1.62 -2.91 7.50
C ILE B 338 -0.39 -2.34 6.81
N ASP B 339 -0.09 -1.09 7.10
CA ASP B 339 1.06 -0.41 6.51
C ASP B 339 2.25 -0.55 7.44
N SER B 340 3.31 -1.21 6.97
CA SER B 340 4.47 -1.46 7.81
C SER B 340 5.33 -0.22 8.01
N ASP B 341 5.23 0.77 7.12
CA ASP B 341 6.06 1.96 7.26
C ASP B 341 5.44 2.97 8.20
N PHE B 342 4.16 3.29 8.03
CA PHE B 342 3.48 4.31 8.81
C PHE B 342 2.56 3.74 9.88
N GLY B 343 2.30 2.44 9.86
CA GLY B 343 1.32 1.85 10.75
C GLY B 343 -0.11 2.14 10.31
N GLY B 344 -1.09 1.42 10.86
CA GLY B 344 -2.49 1.67 10.57
C GLY B 344 -3.02 0.86 9.40
N PHE B 345 -4.33 0.99 9.19
CA PHE B 345 -4.97 0.34 8.05
C PHE B 345 -4.59 1.05 6.76
N ARG B 346 -4.10 0.28 5.79
CA ARG B 346 -3.74 0.83 4.49
C ARG B 346 -5.01 1.01 3.66
N VAL B 347 -5.29 2.25 3.26
CA VAL B 347 -6.45 2.58 2.44
C VAL B 347 -5.97 3.49 1.30
N ASN B 348 -6.84 3.68 0.31
CA ASN B 348 -6.49 4.45 -0.87
C ASN B 348 -6.87 5.93 -0.65
N ALA B 349 -6.87 6.70 -1.73
CA ALA B 349 -7.12 8.14 -1.61
C ALA B 349 -8.54 8.43 -1.14
N GLU B 350 -9.48 7.53 -1.42
CA GLU B 350 -10.86 7.70 -0.98
C GLU B 350 -11.10 7.14 0.42
N LEU B 351 -10.03 6.74 1.12
CA LEU B 351 -10.09 6.18 2.46
C LEU B 351 -10.75 4.81 2.48
N GLN B 352 -10.82 4.14 1.33
CA GLN B 352 -11.48 2.84 1.22
C GLN B 352 -10.47 1.72 1.36
N ALA B 353 -10.86 0.68 2.09
CA ALA B 353 -10.05 -0.53 2.24
C ALA B 353 -10.58 -1.66 1.37
N ARG B 354 -11.88 -1.91 1.42
CA ARG B 354 -12.52 -2.94 0.61
C ARG B 354 -13.85 -2.36 0.09
N SER B 355 -14.62 -3.20 -0.59
CA SER B 355 -15.79 -2.71 -1.31
C SER B 355 -16.73 -1.91 -0.42
N ASN B 356 -16.92 -2.33 0.83
CA ASN B 356 -17.85 -1.64 1.72
C ASN B 356 -17.22 -1.31 3.07
N ILE B 357 -15.90 -1.08 3.10
CA ILE B 357 -15.19 -0.79 4.34
C ILE B 357 -14.27 0.40 4.11
N TRP B 358 -14.44 1.45 4.91
CA TRP B 358 -13.57 2.61 4.90
C TRP B 358 -12.88 2.75 6.26
N VAL B 359 -11.82 3.55 6.30
CA VAL B 359 -11.09 3.83 7.52
C VAL B 359 -10.78 5.32 7.57
N ALA B 360 -10.91 5.92 8.76
CA ALA B 360 -10.67 7.33 8.94
C ALA B 360 -10.00 7.57 10.28
N GLY B 361 -9.47 8.79 10.44
CA GLY B 361 -8.87 9.19 11.70
C GLY B 361 -7.44 8.73 11.87
N ASP B 362 -7.03 8.63 13.14
CA ASP B 362 -5.65 8.30 13.46
C ASP B 362 -5.23 6.95 12.88
N ALA B 363 -6.18 6.03 12.72
CA ALA B 363 -5.86 4.66 12.33
C ALA B 363 -5.75 4.47 10.83
N ALA B 364 -5.96 5.52 10.04
CA ALA B 364 -6.05 5.40 8.58
C ALA B 364 -4.73 5.84 7.94
N CYS B 365 -4.03 4.89 7.34
CA CYS B 365 -2.91 5.20 6.45
C CYS B 365 -3.46 5.32 5.04
N PHE B 366 -3.48 6.53 4.50
CA PHE B 366 -4.13 6.82 3.24
C PHE B 366 -3.12 7.35 2.22
N TYR B 367 -3.54 7.35 0.96
CA TYR B 367 -2.71 7.86 -0.13
C TYR B 367 -3.11 9.29 -0.44
N ASP B 368 -2.16 10.21 -0.31
CA ASP B 368 -2.36 11.60 -0.68
C ASP B 368 -1.89 11.76 -2.12
N ILE B 369 -2.82 12.08 -3.02
CA ILE B 369 -2.49 12.15 -4.44
C ILE B 369 -1.34 13.12 -4.68
N LYS B 370 -1.20 14.13 -3.82
CA LYS B 370 -0.14 15.13 -3.98
C LYS B 370 1.11 14.78 -3.16
N LEU B 371 0.94 14.36 -1.92
CA LEU B 371 2.05 14.19 -1.00
C LEU B 371 2.44 12.73 -0.77
N GLY B 372 1.72 11.78 -1.37
CA GLY B 372 2.05 10.39 -1.15
C GLY B 372 1.38 9.84 0.10
N ARG B 373 1.75 8.59 0.42
CA ARG B 373 1.12 7.88 1.51
C ARG B 373 1.48 8.51 2.86
N ARG B 374 0.48 8.65 3.72
CA ARG B 374 0.65 9.32 5.00
C ARG B 374 -0.26 8.67 6.05
N ARG B 375 0.05 8.95 7.32
CA ARG B 375 -0.89 8.76 8.41
C ARG B 375 -0.79 9.97 9.33
N VAL B 376 -1.94 10.53 9.69
CA VAL B 376 -2.02 11.79 10.40
C VAL B 376 -2.81 11.59 11.69
N GLU B 377 -2.35 12.23 12.77
CA GLU B 377 -3.03 12.13 14.06
C GLU B 377 -3.42 13.51 14.57
N HIS B 378 -4.25 14.22 13.80
CA HIS B 378 -4.74 15.54 14.17
C HIS B 378 -6.24 15.51 14.40
N HIS B 379 -6.71 16.36 15.30
CA HIS B 379 -8.15 16.52 15.50
C HIS B 379 -8.83 16.93 14.20
N ASP B 380 -8.29 17.97 13.54
CA ASP B 380 -8.88 18.42 12.29
C ASP B 380 -8.88 17.33 11.23
N HIS B 381 -7.85 16.48 11.23
CA HIS B 381 -7.81 15.39 10.26
C HIS B 381 -8.88 14.35 10.53
N ALA B 382 -9.12 14.04 11.80
CA ALA B 382 -10.18 13.10 12.15
C ALA B 382 -11.54 13.62 11.69
N VAL B 383 -11.79 14.92 11.87
CA VAL B 383 -13.05 15.50 11.43
C VAL B 383 -13.17 15.42 9.92
N VAL B 384 -12.15 15.90 9.21
CA VAL B 384 -12.22 15.98 7.75
C VAL B 384 -12.30 14.58 7.14
N SER B 385 -11.42 13.67 7.58
CA SER B 385 -11.42 12.34 6.98
C SER B 385 -12.69 11.57 7.33
N GLY B 386 -13.18 11.72 8.56
CA GLY B 386 -14.45 11.10 8.92
C GLY B 386 -15.60 11.62 8.07
N ARG B 387 -15.62 12.93 7.82
CA ARG B 387 -16.65 13.51 6.97
C ARG B 387 -16.54 12.99 5.54
N LEU B 388 -15.32 13.00 4.98
CA LEU B 388 -15.11 12.46 3.65
C LEU B 388 -15.56 11.01 3.57
N ALA B 389 -15.17 10.20 4.56
CA ALA B 389 -15.57 8.80 4.58
C ALA B 389 -17.10 8.67 4.58
N GLY B 390 -17.78 9.51 5.35
CA GLY B 390 -19.23 9.49 5.34
C GLY B 390 -19.79 9.81 3.97
N GLU B 391 -19.15 10.73 3.26
CA GLU B 391 -19.59 11.06 1.91
C GLU B 391 -19.35 9.93 0.95
N ASN B 392 -18.19 9.26 1.04
CA ASN B 392 -17.92 8.14 0.15
C ASN B 392 -18.77 6.93 0.49
N MET B 393 -19.18 6.79 1.76
CA MET B 393 -20.11 5.74 2.12
C MET B 393 -21.51 5.99 1.57
N THR B 394 -21.78 7.20 1.07
CA THR B 394 -23.04 7.54 0.42
C THR B 394 -22.85 7.86 -1.07
N GLY B 395 -21.79 7.36 -1.69
CA GLY B 395 -21.64 7.41 -3.13
C GLY B 395 -20.79 8.53 -3.69
N ALA B 396 -20.05 9.26 -2.85
CA ALA B 396 -19.36 10.44 -3.34
C ALA B 396 -18.14 10.09 -4.18
N ALA B 397 -17.39 9.06 -3.78
CA ALA B 397 -16.19 8.64 -4.49
C ALA B 397 -15.21 9.80 -4.64
N LYS B 398 -14.96 10.50 -3.53
CA LYS B 398 -14.09 11.67 -3.54
C LYS B 398 -12.75 11.35 -2.88
N PRO B 399 -11.63 11.83 -3.44
CA PRO B 399 -10.34 11.60 -2.80
C PRO B 399 -10.06 12.62 -1.71
N TYR B 400 -9.25 12.20 -0.74
CA TYR B 400 -8.80 13.10 0.32
C TYR B 400 -8.01 14.26 -0.28
N TRP B 401 -8.52 15.48 -0.10
CA TRP B 401 -8.00 16.67 -0.76
C TRP B 401 -8.03 17.79 0.29
N HIS B 402 -7.14 17.71 1.28
CA HIS B 402 -7.14 18.68 2.36
C HIS B 402 -5.84 18.65 3.14
N GLN B 403 -5.15 19.78 3.21
CA GLN B 403 -3.96 19.88 4.04
C GLN B 403 -4.44 20.09 5.47
N SER B 404 -4.22 19.12 6.34
CA SER B 404 -4.70 19.20 7.69
C SER B 404 -3.85 20.14 8.53
N MET B 405 -4.50 20.82 9.47
CA MET B 405 -3.81 21.69 10.41
C MET B 405 -3.91 21.10 11.81
N PHE B 406 -2.99 21.51 12.66
CA PHE B 406 -3.07 21.21 14.08
C PHE B 406 -2.64 22.44 14.86
N TRP B 407 -2.85 22.39 16.17
CA TRP B 407 -2.56 23.53 17.02
C TRP B 407 -2.15 23.01 18.39
N SER B 408 -1.54 23.90 19.17
CA SER B 408 -1.13 23.57 20.52
C SER B 408 -1.07 24.85 21.33
N ASP B 409 -1.38 24.73 22.61
CA ASP B 409 -1.35 25.85 23.55
C ASP B 409 -0.52 25.42 24.74
N LEU B 410 0.55 26.17 25.01
CA LEU B 410 1.50 25.86 26.09
C LEU B 410 1.52 27.05 27.04
N GLY B 411 0.41 27.28 27.73
CA GLY B 411 0.29 28.39 28.63
C GLY B 411 -0.46 29.55 27.99
N PRO B 412 -0.39 30.72 28.61
CA PRO B 412 -1.11 31.88 28.09
C PRO B 412 -0.38 32.58 26.96
N ASP B 413 0.96 32.58 27.03
CA ASP B 413 1.79 33.32 26.09
C ASP B 413 2.33 32.46 24.96
N VAL B 414 1.84 31.22 24.81
CA VAL B 414 2.35 30.31 23.78
C VAL B 414 1.16 29.59 23.15
N GLY B 415 0.87 29.94 21.90
CA GLY B 415 -0.09 29.20 21.10
C GLY B 415 0.33 29.27 19.64
N TYR B 416 0.33 28.12 18.95
CA TYR B 416 0.75 28.10 17.56
C TYR B 416 -0.13 27.14 16.77
N GLU B 417 -0.21 27.41 15.47
CA GLU B 417 -0.91 26.57 14.51
C GLU B 417 0.09 26.11 13.47
N ALA B 418 -0.19 24.96 12.86
CA ALA B 418 0.76 24.37 11.94
C ALA B 418 0.01 23.63 10.83
N ILE B 419 0.69 23.46 9.71
CA ILE B 419 0.10 22.83 8.54
C ILE B 419 1.24 22.35 7.65
N GLY B 420 1.02 21.22 7.00
CA GLY B 420 2.02 20.66 6.09
C GLY B 420 3.05 19.80 6.77
N LEU B 421 4.25 19.71 6.19
CA LEU B 421 5.33 18.90 6.72
C LEU B 421 6.14 19.73 7.70
N VAL B 422 5.90 19.50 9.00
CA VAL B 422 6.58 20.21 10.07
C VAL B 422 7.53 19.24 10.73
N ASP B 423 8.82 19.47 10.56
CA ASP B 423 9.85 18.54 11.03
C ASP B 423 11.13 19.32 11.23
N SER B 424 11.69 19.27 12.44
CA SER B 424 12.88 20.05 12.76
C SER B 424 14.12 19.60 12.00
N SER B 425 14.09 18.45 11.34
CA SER B 425 15.23 18.01 10.55
C SER B 425 15.35 18.78 9.24
N LEU B 426 14.27 19.37 8.76
CA LEU B 426 14.30 20.16 7.53
C LEU B 426 14.88 21.54 7.78
N PRO B 427 15.45 22.17 6.75
CA PRO B 427 15.91 23.55 6.91
C PRO B 427 14.72 24.48 7.12
N THR B 428 14.88 25.45 8.01
CA THR B 428 13.81 26.35 8.39
C THR B 428 14.27 27.80 8.31
N VAL B 429 13.32 28.67 8.02
CA VAL B 429 13.54 30.12 8.03
C VAL B 429 12.43 30.73 8.88
N GLY B 430 12.81 31.38 9.97
CA GLY B 430 11.87 31.98 10.91
C GLY B 430 11.94 33.49 10.82
N VAL B 431 10.78 34.11 10.62
CA VAL B 431 10.66 35.56 10.56
C VAL B 431 9.82 35.99 11.75
N PHE B 432 10.44 36.74 12.66
CA PHE B 432 9.82 37.14 13.91
C PHE B 432 9.82 38.66 14.04
N ALA B 433 8.82 39.17 14.76
CA ALA B 433 8.72 40.60 15.02
C ALA B 433 8.94 40.89 16.50
N GLY B 485 8.13 36.24 20.19
CA GLY B 485 6.74 36.47 20.52
C GLY B 485 5.79 36.02 19.43
N LYS B 486 5.86 36.67 18.28
CA LYS B 486 5.07 36.32 17.11
C LYS B 486 6.00 36.09 15.93
N GLY B 487 5.62 35.17 15.06
CA GLY B 487 6.42 34.88 13.89
C GLY B 487 5.86 33.70 13.12
N VAL B 488 6.48 33.45 11.98
CA VAL B 488 6.13 32.34 11.10
C VAL B 488 7.41 31.59 10.76
N ILE B 489 7.33 30.27 10.80
CA ILE B 489 8.48 29.40 10.52
C ILE B 489 8.16 28.62 9.26
N PHE B 490 8.99 28.82 8.22
CA PHE B 490 8.83 28.13 6.96
C PHE B 490 9.73 26.89 6.94
N TYR B 491 9.15 25.76 6.54
CA TYR B 491 9.89 24.53 6.35
C TYR B 491 10.08 24.33 4.85
N LEU B 492 11.33 24.18 4.44
CA LEU B 492 11.72 24.36 3.04
C LEU B 492 12.19 23.07 2.40
N ARG B 493 12.01 23.00 1.08
CA ARG B 493 12.50 21.88 0.28
C ARG B 493 12.83 22.45 -1.10
N ASP B 494 14.12 22.63 -1.38
CA ASP B 494 14.55 23.18 -2.66
C ASP B 494 13.99 24.59 -2.85
N LYS B 495 14.00 25.38 -1.78
CA LYS B 495 13.48 26.75 -1.78
C LYS B 495 11.96 26.80 -1.91
N VAL B 496 11.27 25.69 -1.64
CA VAL B 496 9.82 25.62 -1.70
C VAL B 496 9.28 25.38 -0.30
N VAL B 497 8.17 26.06 0.02
CA VAL B 497 7.54 25.92 1.33
C VAL B 497 6.72 24.64 1.35
N VAL B 498 7.08 23.72 2.23
CA VAL B 498 6.35 22.47 2.40
C VAL B 498 5.63 22.39 3.75
N GLY B 499 5.96 23.27 4.69
CA GLY B 499 5.26 23.29 5.96
C GLY B 499 5.41 24.66 6.60
N ILE B 500 4.41 25.03 7.40
CA ILE B 500 4.40 26.33 8.06
C ILE B 500 3.97 26.14 9.51
N VAL B 501 4.63 26.87 10.40
CA VAL B 501 4.24 26.97 11.81
C VAL B 501 3.94 28.43 12.09
N LEU B 502 2.73 28.72 12.54
CA LEU B 502 2.32 30.07 12.88
C LEU B 502 2.45 30.25 14.38
N TRP B 503 3.40 31.09 14.80
CA TRP B 503 3.74 31.28 16.20
C TRP B 503 3.01 32.52 16.72
N ASN B 504 1.99 32.31 17.56
CA ASN B 504 1.17 33.39 18.08
C ASN B 504 0.60 34.24 16.95
N ILE B 505 0.29 33.60 15.83
CA ILE B 505 -0.39 34.23 14.71
C ILE B 505 -1.65 33.41 14.44
N PHE B 506 -2.80 34.06 14.49
CA PHE B 506 -4.08 33.39 14.39
C PHE B 506 -4.90 33.99 13.24
N ASN B 507 -5.91 33.24 12.82
CA ASN B 507 -6.81 33.68 11.74
C ASN B 507 -6.08 33.87 10.42
N ARG B 508 -5.00 33.10 10.21
CA ARG B 508 -4.22 33.17 8.99
C ARG B 508 -3.96 31.79 8.38
N MET B 509 -4.65 30.75 8.86
CA MET B 509 -4.42 29.42 8.31
C MET B 509 -4.77 29.33 6.83
N PRO B 510 -5.87 29.91 6.34
CA PRO B 510 -6.14 29.84 4.89
C PRO B 510 -5.00 30.37 4.05
N ILE B 511 -4.28 31.37 4.54
CA ILE B 511 -3.14 31.91 3.78
C ILE B 511 -2.01 30.89 3.75
N ALA B 512 -1.68 30.31 4.92
CA ALA B 512 -0.63 29.30 4.97
C ALA B 512 -1.00 28.09 4.11
N ARG B 513 -2.28 27.72 4.10
CA ARG B 513 -2.70 26.60 3.27
C ARG B 513 -2.52 26.91 1.79
N LYS B 514 -2.76 28.16 1.39
CA LYS B 514 -2.59 28.53 -0.01
C LYS B 514 -1.12 28.52 -0.40
N ILE B 515 -0.24 28.98 0.49
CA ILE B 515 1.18 29.03 0.17
C ILE B 515 1.73 27.65 -0.13
N ILE B 516 1.35 26.66 0.69
CA ILE B 516 1.87 25.31 0.48
C ILE B 516 1.28 24.68 -0.77
N LYS B 517 -0.01 24.93 -1.02
CA LYS B 517 -0.66 24.33 -2.18
C LYS B 517 -0.05 24.85 -3.48
N ASP B 518 0.27 26.14 -3.53
CA ASP B 518 0.80 26.72 -4.77
C ASP B 518 2.21 26.22 -5.07
N GLY B 519 2.99 25.90 -4.04
CA GLY B 519 4.31 25.33 -4.25
C GLY B 519 5.27 26.22 -5.01
N GLU B 520 5.12 27.54 -4.88
CA GLU B 520 6.03 28.45 -5.58
C GLU B 520 7.40 28.46 -4.92
N GLN B 521 8.43 28.77 -5.71
CA GLN B 521 9.78 28.93 -5.21
C GLN B 521 10.00 30.39 -4.81
N HIS B 522 10.02 30.65 -3.51
CA HIS B 522 10.15 32.00 -3.00
C HIS B 522 11.63 32.29 -2.71
N GLU B 523 12.15 33.35 -3.33
CA GLU B 523 13.54 33.76 -3.11
C GLU B 523 13.70 34.65 -1.89
N ASP B 524 12.63 35.31 -1.45
CA ASP B 524 12.66 36.20 -0.29
C ASP B 524 11.44 35.87 0.56
N LEU B 525 11.65 35.07 1.61
CA LEU B 525 10.57 34.70 2.50
C LEU B 525 10.11 35.83 3.42
N ASN B 526 10.90 36.91 3.52
CA ASN B 526 10.45 38.07 4.28
C ASN B 526 9.23 38.70 3.63
N GLU B 527 9.16 38.67 2.30
CA GLU B 527 7.97 39.16 1.61
C GLU B 527 6.78 38.23 1.84
N VAL B 528 7.02 36.92 1.87
CA VAL B 528 5.95 35.99 2.16
C VAL B 528 5.45 36.15 3.59
N ALA B 529 6.36 36.47 4.52
CA ALA B 529 5.96 36.68 5.90
C ALA B 529 5.00 37.86 6.06
N LYS B 530 5.04 38.81 5.12
CA LYS B 530 4.10 39.94 5.19
C LYS B 530 2.66 39.47 5.04
N LEU B 531 2.44 38.32 4.38
CA LEU B 531 1.10 37.77 4.28
C LEU B 531 0.54 37.39 5.64
N PHE B 532 1.40 37.26 6.65
CA PHE B 532 0.98 36.98 8.02
C PHE B 532 1.13 38.20 8.91
N ASN B 533 1.22 39.39 8.32
CA ASN B 533 1.35 40.64 9.06
C ASN B 533 2.65 40.68 9.88
N ILE B 534 3.73 40.18 9.29
CA ILE B 534 5.06 40.24 9.87
C ILE B 534 5.90 41.18 9.01
N HIS B 535 6.27 42.33 9.56
CA HIS B 535 7.05 43.32 8.82
C HIS B 535 8.30 43.69 9.60
N GLU B 539 13.85 40.11 13.33
CA GLU B 539 14.83 39.04 13.40
C GLU B 539 14.48 37.92 12.43
N VAL B 540 15.47 37.44 11.69
CA VAL B 540 15.32 36.36 10.72
C VAL B 540 16.35 35.29 11.05
N LEU B 541 15.90 34.18 11.64
CA LEU B 541 16.78 33.11 12.07
C LEU B 541 16.71 31.94 11.10
N PHE B 542 17.85 31.27 10.92
CA PHE B 542 17.97 30.15 10.00
C PHE B 542 18.53 28.94 10.75
N GLN B 543 18.11 27.76 10.32
CA GLN B 543 18.63 26.51 10.87
C GLN B 543 18.38 25.35 9.91
C1 EDO C . -4.16 -0.79 -1.89
O1 EDO C . -4.79 -0.01 -2.90
C2 EDO C . -3.85 0.10 -0.69
O2 EDO C . -5.04 0.78 -0.29
H11 EDO C . -3.23 -1.23 -2.27
H12 EDO C . -4.81 -1.61 -1.59
HO1 EDO C . -5.08 -0.58 -3.62
H21 EDO C . -3.07 0.82 -0.95
H22 EDO C . -3.47 -0.51 0.14
HO2 EDO C . -4.85 1.34 0.47
PA FAD D . 0.37 -8.07 -21.77
O1A FAD D . 0.11 -9.44 -22.37
O2A FAD D . 1.74 -7.53 -21.94
O5B FAD D . -0.71 -7.08 -22.37
C5B FAD D . -0.56 -5.65 -22.27
C4B FAD D . -0.98 -5.06 -23.59
O4B FAD D . -1.36 -3.69 -23.34
C3B FAD D . 0.23 -4.98 -24.54
O3B FAD D . -0.32 -5.09 -25.85
C2B FAD D . 0.66 -3.52 -24.42
O2B FAD D . 1.10 -3.13 -25.71
C1B FAD D . -0.70 -2.86 -24.26
N9A FAD D . -0.60 -1.54 -23.65
C8A FAD D . 0.28 -1.11 -22.68
N7A FAD D . 0.13 0.14 -22.32
C5A FAD D . -0.94 0.57 -23.11
C6A FAD D . -1.60 1.81 -23.21
N6A FAD D . -1.27 2.88 -22.49
N1A FAD D . -2.62 1.91 -24.09
C2A FAD D . -2.94 0.84 -24.82
N3A FAD D . -2.40 -0.37 -24.81
C4A FAD D . -1.39 -0.45 -23.92
N1 FAD D . 3.66 -17.11 -18.44
C2 FAD D . 3.45 -18.33 -17.99
O2 FAD D . 2.88 -18.54 -16.96
N3 FAD D . 3.89 -19.49 -18.69
C4 FAD D . 4.56 -19.37 -19.89
O4 FAD D . 4.92 -20.37 -20.48
C4X FAD D . 4.79 -18.02 -20.39
N5 FAD D . 5.43 -17.88 -21.52
C5X FAD D . 5.63 -16.59 -21.96
C6 FAD D . 6.36 -16.37 -23.24
C7 FAD D . 6.58 -15.11 -23.73
C7M FAD D . 7.32 -14.95 -25.04
C8 FAD D . 6.14 -13.94 -23.01
C8M FAD D . 6.39 -12.54 -23.52
C9 FAD D . 5.46 -14.08 -21.79
C9A FAD D . 5.19 -15.44 -21.24
N10 FAD D . 4.51 -15.68 -20.01
C10 FAD D . 4.30 -16.93 -19.59
C1' FAD D . 4.03 -14.52 -19.24
C2' FAD D . 2.58 -14.13 -19.67
O2' FAD D . 2.54 -14.07 -21.08
C3' FAD D . 2.28 -12.76 -19.09
O3' FAD D . 2.17 -12.90 -17.67
C4' FAD D . 0.94 -12.22 -19.64
O4' FAD D . 1.00 -12.03 -21.05
C5' FAD D . 0.63 -10.93 -18.92
O5' FAD D . -0.77 -10.41 -19.39
P FAD D . -1.12 -8.93 -19.38
O1P FAD D . -0.94 -8.48 -17.93
O2P FAD D . -2.46 -8.68 -19.94
O3P FAD D . -0.04 -8.15 -20.24
H51A FAD D . 0.34 -5.38 -22.01
H52A FAD D . -1.03 -5.27 -21.51
H4B FAD D . -1.71 -5.53 -24.00
H3B FAD D . 0.92 -5.60 -24.31
HO3A FAD D . -0.73 -5.83 -25.98
H2B FAD D . 1.28 -3.36 -23.68
HO2A FAD D . 1.82 -2.67 -25.68
H1B FAD D . -1.17 -2.80 -25.10
H8A FAD D . 0.93 -1.68 -22.32
H61A FAD D . -0.49 3.30 -22.38
H62A FAD D . -1.95 3.24 -22.03
H2A FAD D . -3.65 0.96 -25.41
HN3 FAD D . 3.74 -20.28 -18.39
H6 FAD D . 6.66 -17.09 -23.74
HM71 FAD D . 7.30 -14.11 -25.52
HM72 FAD D . 8.28 -15.07 -25.08
HM73 FAD D . 7.10 -15.52 -25.80
HM81 FAD D . 6.56 -12.37 -24.46
HM82 FAD D . 7.12 -12.01 -23.20
HM83 FAD D . 5.72 -11.85 -23.43
H9 FAD D . 5.17 -13.33 -21.33
H1'1 FAD D . 4.63 -13.76 -19.31
H1'2 FAD D . 4.08 -14.67 -18.29
H2' FAD D . 1.93 -14.78 -19.33
HO2' FAD D . 2.03 -14.70 -21.36
H3' FAD D . 2.98 -12.13 -19.34
H4' FAD D . 0.25 -12.88 -19.48
HO4' FAD D . 1.37 -11.30 -21.25
H5'1 FAD D . 1.33 -10.26 -19.04
H5'2 FAD D . 0.68 -11.03 -17.96
C01 QEF E . 6.03 -17.39 -15.06
C02 QEF E . 6.64 -17.57 -16.44
C04 QEF E . 7.55 -16.66 -18.37
C05 QEF E . 7.96 -15.54 -19.11
C06 QEF E . 8.51 -15.66 -20.38
C07 QEF E . 8.63 -16.93 -20.88
C09 QEF E . 8.24 -18.04 -20.22
C10 QEF E . 7.70 -17.93 -18.96
C11 QEF E . 7.30 -19.02 -18.24
C13 QEF E . 6.76 -18.85 -16.98
F08 QEF E . 9.15 -17.08 -22.13
N03 QEF E . 7.03 -16.51 -17.15
N12 QEF E . 7.42 -20.36 -18.79
H012 QEF E . 5.40 -16.66 -15.07
H013 QEF E . 6.75 -17.18 -14.42
H011 QEF E . 5.59 -18.21 -14.79
H051 QEF E . 7.88 -14.68 -18.74
H061 QEF E . 8.79 -14.92 -20.87
H091 QEF E . 8.35 -18.87 -20.62
H131 QEF E . 6.48 -19.59 -16.49
H122 QEF E . 8.17 -20.62 -19.12
H121 QEF E . 6.74 -20.89 -18.79
S SO4 F . 12.40 -13.99 -16.86
O1 SO4 F . 11.01 -13.53 -16.90
O2 SO4 F . 13.26 -12.89 -16.41
O3 SO4 F . 12.82 -14.41 -18.20
O4 SO4 F . 12.52 -15.11 -15.93
S SO4 G . -5.30 -26.08 -12.79
O1 SO4 G . -5.13 -24.63 -12.75
O2 SO4 G . -6.29 -26.41 -13.82
O3 SO4 G . -5.77 -26.55 -11.49
O4 SO4 G . -4.03 -26.72 -13.12
S SO4 H . 10.95 -14.77 -45.05
O1 SO4 H . 10.31 -13.94 -46.06
O2 SO4 H . 12.38 -14.51 -45.02
O3 SO4 H . 10.37 -14.47 -43.73
O4 SO4 H . 10.72 -16.18 -45.35
PA FAD I . -10.30 8.48 18.81
O1A FAD I . -9.18 7.77 19.58
O2A FAD I . -10.64 9.84 19.25
O5B FAD I . -11.58 7.55 18.83
C5B FAD I . -11.46 6.12 18.74
C4B FAD I . -12.55 5.53 19.61
O4B FAD I . -12.76 4.18 19.15
C3B FAD I . -12.07 5.42 21.05
O3B FAD I . -13.22 5.57 21.86
C2B FAD I . -11.68 3.94 21.16
O2B FAD I . -12.01 3.54 22.48
C1B FAD I . -12.75 3.34 20.28
N9A FAD I . -12.40 2.00 19.81
C8A FAD I . -11.16 1.52 19.49
N7A FAD I . -11.15 0.27 19.10
C5A FAD I . -12.48 -0.12 19.18
C6A FAD I . -13.15 -1.33 18.90
N6A FAD I . -12.53 -2.43 18.48
N1A FAD I . -14.48 -1.37 19.09
C2A FAD I . -15.10 -0.26 19.51
N3A FAD I . -14.59 0.93 19.80
C4A FAD I . -13.27 0.94 19.62
N1 FAD I . -5.11 17.13 18.08
C2 FAD I . -5.00 18.38 17.65
O2 FAD I . -4.97 18.66 16.48
N3 FAD I . -4.92 19.48 18.55
C4 FAD I . -4.95 19.28 19.92
O4 FAD I . -4.88 20.24 20.66
C4X FAD I . -5.07 17.90 20.38
N5 FAD I . -5.09 17.68 21.67
C5X FAD I . -5.21 16.36 22.07
C6 FAD I . -5.25 16.07 23.52
C7 FAD I . -5.36 14.79 23.99
C7M FAD I . -5.39 14.54 25.48
C8 FAD I . -5.44 13.68 23.07
C8M FAD I . -5.56 12.25 23.56
C9 FAD I . -5.41 13.89 21.69
C9A FAD I . -5.29 15.28 21.16
N10 FAD I . -5.25 15.61 19.77
C10 FAD I . -5.14 16.88 19.38
C1' FAD I . -5.34 14.50 18.79
C2' FAD I . -6.82 14.24 18.39
O2' FAD I . -7.60 14.19 19.59
C3' FAD I . -6.88 12.88 17.72
O3' FAD I . -6.22 13.00 16.45
C4' FAD I . -8.34 12.51 17.44
O4' FAD I . -9.06 12.30 18.65
C5' FAD I . -8.35 11.25 16.59
O5' FAD I . -9.83 10.83 16.32
P FAD I . -10.20 9.39 16.01
O1P FAD I . -9.22 8.96 14.91
O2P FAD I . -11.64 9.27 15.67
O3P FAD I . -9.88 8.49 17.28
H51A FAD I . -10.58 5.79 18.97
H52A FAD I . -11.48 5.79 17.82
H4B FAD I . -13.39 6.02 19.55
H3B FAD I . -11.33 6.01 21.23
HO3A FAD I . -13.94 5.35 21.46
H2B FAD I . -10.77 3.75 20.87
HO2A FAD I . -12.72 3.93 22.76
H1B FAD I . -13.62 3.31 20.72
H8A FAD I . -10.39 2.04 19.54
H61A FAD I . -12.28 -3.17 18.92
H62A FAD I . -12.34 -2.44 17.61
H2A FAD I . -16.03 -0.34 19.63
HN3 FAD I . -4.85 20.29 18.26
H6 FAD I . -5.20 16.75 24.15
HM71 FAD I . -5.63 13.66 25.83
HM72 FAD I . -4.59 14.66 26.02
HM73 FAD I . -5.98 15.06 26.05
HM81 FAD I . -5.20 11.98 24.43
HM82 FAD I . -5.17 11.51 23.07
HM83 FAD I . -6.42 11.82 23.69
H9 FAD I . -5.47 13.18 21.10
H1'1 FAD I . -4.91 13.70 19.12
H1'2 FAD I . -4.78 14.67 18.01
H2' FAD I . -7.15 14.93 17.81
HO2' FAD I . -7.54 13.41 19.91
H3' FAD I . -6.46 12.20 18.27
H4' FAD I . -8.78 13.23 16.98
HO4' FAD I . -9.74 11.80 18.52
H5'1 FAD I . -7.82 10.54 16.98
H5'2 FAD I . -7.85 11.37 15.77
C01 QEF J . -1.42 17.03 16.64
C02 QEF J . -1.57 17.13 18.16
C04 QEF J . -1.77 16.11 20.22
C05 QEF J . -1.82 14.93 21.01
C06 QEF J . -1.96 14.99 22.40
C07 QEF J . -2.04 16.23 22.95
C09 QEF J . -2.01 17.38 22.25
C10 QEF J . -1.86 17.34 20.89
C11 QEF J . -1.81 18.48 20.12
C13 QEF J . -1.67 18.37 18.76
F08 QEF J . -2.19 16.31 24.31
N03 QEF J . -1.63 16.02 18.91
N12 QEF J . -1.91 19.78 20.75
H012 QEF J . -2.25 17.30 16.21
H013 QEF J . -0.70 17.61 16.36
H011 QEF J . -1.21 16.11 16.40
H051 QEF J . -1.76 14.10 20.59
H061 QEF J . -2.00 14.22 22.91
H091 QEF J . -2.07 18.19 22.70
H131 QEF J . -1.64 19.15 18.24
H122 QEF J . -2.56 19.96 21.28
H121 QEF J . -1.31 20.38 20.60
S SO4 K . 3.34 13.46 21.06
O1 SO4 K . 3.67 14.75 20.47
O2 SO4 K . 2.79 13.67 22.40
O3 SO4 K . 2.34 12.78 20.23
O4 SO4 K . 4.55 12.65 21.14
S SO4 L . -12.11 13.37 45.19
O1 SO4 L . -12.10 13.07 43.75
O2 SO4 L . -12.82 14.63 45.41
O3 SO4 L . -12.78 12.29 45.91
O4 SO4 L . -10.74 13.51 45.68
#